data_5IUV
#
_entry.id   5IUV
#
_cell.length_a   80.677
_cell.length_b   84.747
_cell.length_c   166.822
_cell.angle_alpha   90.00
_cell.angle_beta   90.00
_cell.angle_gamma   90.00
#
_symmetry.space_group_name_H-M   'P 2 21 21'
#
loop_
_entity.id
_entity.type
_entity.pdbx_description
1 polymer 'Aldehyde dehydrogenase family protein'
2 non-polymer NICOTINAMIDE-ADENINE-DINUCLEOTIDE
3 water water
#
_entity_poly.entity_id   1
_entity_poly.type   'polypeptide(L)'
_entity_poly.pdbx_seq_one_letter_code
;MTTLTRADWEQRAQNLKIEGRAFIQGEYTAAASGETFDCISPVDGRLLAKVASCDAADAQRAVESARSAFDSGAWSRLAP
AKRKATMIRFAGLLEQNAEELALLETLDMGKPISDSLGVDIPGGARALSWSGEAIDKLYDEVAATPHDQLGLVTREPVGV
VAAIVPWNFPLMMACWKLGPALSTGNSVVLKPSEKSPLTAIRIAQLAIEAGIPAGVLNVLPGYGHTVGKALALHMDVDTV
VFTGSTKIAKQLMIYAGESNMKRVWLEAGGKSPNIVFADAPDLQAAADSAASAIAFNQGEVCTAGSRLLVERSIKDRFLP
MVIEALGTWKPGNPLDPATNVGALVDTQQMNTVLSYIAAGHTDGARLVAGGKQILQETGGTYVEPTIFDGVNNAMRIAQE
EIFGPVLSVLTFDTAEEAIQIANDTPYGLAAAVWTANLSKAHLTARALRAGSVWVNQYDGGDMTAPFGGFKQSGNGRDKS
LHAFDKYTELKSTWIKL
;
_entity_poly.pdbx_strand_id   A,B
#
# COMPACT_ATOMS: atom_id res chain seq x y z
N THR A 3 -9.16 41.05 -18.53
CA THR A 3 -9.74 40.52 -17.30
C THR A 3 -11.26 40.64 -17.31
N LEU A 4 -11.94 39.51 -17.16
CA LEU A 4 -13.39 39.48 -17.24
C LEU A 4 -14.05 40.06 -15.99
N THR A 5 -15.13 40.80 -16.19
CA THR A 5 -15.91 41.36 -15.08
C THR A 5 -16.94 40.37 -14.56
N ARG A 6 -17.59 40.74 -13.45
CA ARG A 6 -18.70 39.95 -12.91
C ARG A 6 -19.81 39.77 -13.95
N ALA A 7 -20.13 40.84 -14.67
CA ALA A 7 -21.18 40.80 -15.70
C ALA A 7 -20.78 39.86 -16.83
N ASP A 8 -19.50 39.90 -17.21
CA ASP A 8 -18.96 38.97 -18.20
C ASP A 8 -19.17 37.51 -17.78
N TRP A 9 -18.84 37.21 -16.53
CA TRP A 9 -18.95 35.84 -16.06
C TRP A 9 -20.41 35.41 -15.96
N GLU A 10 -21.28 36.35 -15.59
CA GLU A 10 -22.70 36.05 -15.50
C GLU A 10 -23.30 35.73 -16.87
N GLN A 11 -22.87 36.48 -17.88
CA GLN A 11 -23.29 36.21 -19.26
C GLN A 11 -22.77 34.86 -19.72
N ARG A 12 -21.50 34.57 -19.47
CA ARG A 12 -20.92 33.28 -19.86
C ARG A 12 -21.62 32.12 -19.18
N ALA A 13 -21.95 32.28 -17.90
CA ALA A 13 -22.63 31.24 -17.15
C ALA A 13 -23.98 30.91 -17.80
N GLN A 14 -24.70 31.94 -18.21
CA GLN A 14 -25.98 31.77 -18.89
C GLN A 14 -25.80 31.10 -20.26
N ASN A 15 -24.65 31.33 -20.90
CA ASN A 15 -24.48 30.90 -22.27
C ASN A 15 -23.81 29.54 -22.42
N LEU A 16 -23.45 28.92 -21.30
CA LEU A 16 -22.88 27.57 -21.32
C LEU A 16 -23.88 26.54 -21.80
N LYS A 17 -23.44 25.61 -22.64
CA LYS A 17 -24.17 24.36 -22.81
C LYS A 17 -23.38 23.30 -22.04
N ILE A 18 -24.04 22.65 -21.09
CA ILE A 18 -23.35 21.79 -20.14
C ILE A 18 -23.62 20.31 -20.43
N GLU A 19 -22.54 19.56 -20.62
CA GLU A 19 -22.63 18.13 -20.85
C GLU A 19 -22.85 17.40 -19.52
N GLY A 20 -23.81 16.49 -19.48
CA GLY A 20 -24.09 15.74 -18.27
C GLY A 20 -23.91 14.22 -18.38
N ARG A 21 -23.55 13.74 -19.56
CA ARG A 21 -23.47 12.31 -19.78
C ARG A 21 -22.20 11.66 -19.22
N ALA A 22 -22.25 10.34 -19.07
CA ALA A 22 -21.06 9.56 -18.76
C ALA A 22 -20.21 9.45 -20.02
N PHE A 23 -18.97 8.97 -19.88
CA PHE A 23 -18.08 8.82 -21.03
C PHE A 23 -17.43 7.45 -20.99
N ILE A 24 -17.71 6.63 -22.00
CA ILE A 24 -17.17 5.27 -22.03
C ILE A 24 -16.76 4.92 -23.45
N GLN A 25 -15.53 4.42 -23.61
CA GLN A 25 -15.03 3.96 -24.91
C GLN A 25 -15.16 5.05 -25.98
N GLY A 26 -14.67 6.25 -25.65
CA GLY A 26 -14.57 7.33 -26.60
C GLY A 26 -15.85 8.08 -26.92
N GLU A 27 -16.94 7.77 -26.22
CA GLU A 27 -18.24 8.41 -26.49
C GLU A 27 -19.02 8.76 -25.23
N TYR A 28 -19.70 9.90 -25.25
CA TYR A 28 -20.63 10.22 -24.18
C TYR A 28 -21.80 9.25 -24.27
N THR A 29 -22.36 8.89 -23.12
CA THR A 29 -23.41 7.90 -23.06
C THR A 29 -24.29 8.13 -21.85
N ALA A 30 -25.57 7.81 -21.97
CA ALA A 30 -26.43 7.81 -20.79
C ALA A 30 -26.03 6.63 -19.93
N ALA A 31 -26.44 6.65 -18.67
CA ALA A 31 -26.30 5.46 -17.85
C ALA A 31 -27.25 4.39 -18.40
N ALA A 32 -26.89 3.12 -18.21
CA ALA A 32 -27.68 2.00 -18.74
C ALA A 32 -29.16 2.09 -18.36
N SER A 33 -29.44 2.53 -17.14
CA SER A 33 -30.80 2.68 -16.64
C SER A 33 -31.54 3.88 -17.24
N GLY A 34 -30.77 4.83 -17.77
CA GLY A 34 -31.34 6.06 -18.30
C GLY A 34 -31.55 7.10 -17.21
N GLU A 35 -31.21 6.75 -15.98
CA GLU A 35 -31.45 7.62 -14.84
C GLU A 35 -30.47 8.79 -14.77
N THR A 36 -30.95 9.89 -14.20
CA THR A 36 -30.13 11.07 -14.00
C THR A 36 -30.32 11.63 -12.59
N PHE A 37 -29.41 12.50 -12.16
CA PHE A 37 -29.63 13.30 -10.96
C PHE A 37 -29.45 14.77 -11.30
N ASP A 38 -30.17 15.64 -10.60
CA ASP A 38 -30.07 17.08 -10.83
C ASP A 38 -28.77 17.64 -10.31
N CYS A 39 -28.03 18.32 -11.18
CA CYS A 39 -26.83 19.04 -10.77
C CYS A 39 -27.22 20.48 -10.44
N ILE A 40 -27.23 20.80 -9.15
CA ILE A 40 -27.69 22.10 -8.66
C ILE A 40 -26.54 23.00 -8.23
N SER A 41 -26.56 24.26 -8.67
CA SER A 41 -25.50 25.20 -8.31
C SER A 41 -25.70 25.83 -6.94
N PRO A 42 -24.66 25.82 -6.10
CA PRO A 42 -24.75 26.49 -4.79
C PRO A 42 -24.60 28.01 -4.89
N VAL A 43 -24.33 28.52 -6.08
CA VAL A 43 -24.25 29.96 -6.31
C VAL A 43 -25.60 30.61 -6.00
N ASP A 44 -26.67 30.04 -6.56
CA ASP A 44 -28.00 30.58 -6.34
C ASP A 44 -29.10 29.53 -6.44
N GLY A 45 -28.71 28.28 -6.65
CA GLY A 45 -29.67 27.20 -6.71
C GLY A 45 -30.19 26.87 -8.10
N ARG A 46 -29.54 27.40 -9.13
CA ARG A 46 -29.99 27.13 -10.50
C ARG A 46 -29.68 25.69 -10.90
N LEU A 47 -30.47 25.17 -11.83
CA LEU A 47 -30.22 23.84 -12.37
C LEU A 47 -29.19 23.93 -13.48
N LEU A 48 -28.07 23.24 -13.30
CA LEU A 48 -27.00 23.25 -14.28
C LEU A 48 -27.21 22.21 -15.37
N ALA A 49 -27.54 20.99 -14.95
CA ALA A 49 -27.68 19.88 -15.88
C ALA A 49 -28.31 18.67 -15.22
N LYS A 50 -28.92 17.83 -16.04
CA LYS A 50 -29.32 16.51 -15.58
C LYS A 50 -28.17 15.58 -15.94
N VAL A 51 -27.55 15.01 -14.90
CA VAL A 51 -26.33 14.24 -15.06
C VAL A 51 -26.59 12.74 -14.95
N ALA A 52 -25.95 11.95 -15.81
CA ALA A 52 -26.12 10.50 -15.80
C ALA A 52 -25.83 9.93 -14.41
N SER A 53 -26.74 9.10 -13.91
CA SER A 53 -26.57 8.47 -12.62
C SER A 53 -26.16 7.01 -12.82
N CYS A 54 -24.86 6.75 -12.92
CA CYS A 54 -24.35 5.42 -13.21
C CYS A 54 -24.48 4.46 -12.03
N ASP A 55 -24.48 3.17 -12.34
CA ASP A 55 -24.62 2.12 -11.33
C ASP A 55 -23.69 0.97 -11.70
N ALA A 56 -23.91 -0.19 -11.09
CA ALA A 56 -23.01 -1.34 -11.26
C ALA A 56 -22.83 -1.76 -12.73
N ALA A 57 -23.90 -1.68 -13.52
CA ALA A 57 -23.82 -2.08 -14.93
C ALA A 57 -22.88 -1.19 -15.72
N ASP A 58 -22.88 0.10 -15.40
CA ASP A 58 -22.02 1.04 -16.08
C ASP A 58 -20.56 0.86 -15.67
N ALA A 59 -20.34 0.53 -14.40
CA ALA A 59 -19.00 0.18 -13.92
C ALA A 59 -18.47 -1.01 -14.71
N GLN A 60 -19.31 -2.03 -14.89
CA GLN A 60 -18.94 -3.20 -15.66
C GLN A 60 -18.53 -2.84 -17.09
N ARG A 61 -19.32 -2.02 -17.76
CA ARG A 61 -19.00 -1.67 -19.14
C ARG A 61 -17.74 -0.83 -19.21
N ALA A 62 -17.56 0.08 -18.25
CA ALA A 62 -16.39 0.95 -18.26
C ALA A 62 -15.11 0.14 -18.01
N VAL A 63 -15.19 -0.85 -17.12
CA VAL A 63 -14.02 -1.63 -16.77
C VAL A 63 -13.67 -2.58 -17.91
N GLU A 64 -14.67 -3.17 -18.55
CA GLU A 64 -14.42 -3.98 -19.75
C GLU A 64 -13.72 -3.15 -20.83
N SER A 65 -14.17 -1.91 -20.99
CA SER A 65 -13.57 -0.97 -21.92
C SER A 65 -12.14 -0.62 -21.51
N ALA A 66 -11.95 -0.30 -20.24
CA ALA A 66 -10.61 -0.02 -19.71
C ALA A 66 -9.65 -1.18 -19.95
N ARG A 67 -10.13 -2.40 -19.68
CA ARG A 67 -9.31 -3.60 -19.75
C ARG A 67 -8.92 -3.91 -21.18
N SER A 68 -9.88 -3.81 -22.09
CA SER A 68 -9.62 -4.07 -23.50
C SER A 68 -8.60 -3.06 -24.04
N ALA A 69 -8.76 -1.79 -23.66
CA ALA A 69 -7.82 -0.77 -24.08
C ALA A 69 -6.42 -1.01 -23.54
N PHE A 70 -6.32 -1.38 -22.25
CA PHE A 70 -5.03 -1.68 -21.66
C PHE A 70 -4.37 -2.84 -22.42
N ASP A 71 -5.12 -3.90 -22.66
CA ASP A 71 -4.57 -5.08 -23.32
C ASP A 71 -4.14 -4.81 -24.78
N SER A 72 -4.83 -3.89 -25.44
CA SER A 72 -4.49 -3.53 -26.81
C SER A 72 -3.09 -2.90 -26.94
N GLY A 73 -2.62 -2.29 -25.84
CA GLY A 73 -1.33 -1.64 -25.84
C GLY A 73 -1.29 -0.30 -26.54
N ALA A 74 -2.45 0.18 -26.99
CA ALA A 74 -2.54 1.46 -27.71
C ALA A 74 -1.93 2.60 -26.91
N TRP A 75 -2.13 2.55 -25.59
CA TRP A 75 -1.56 3.54 -24.68
C TRP A 75 -0.53 2.88 -23.76
N SER A 76 -0.84 1.68 -23.26
CA SER A 76 0.03 1.03 -22.27
C SER A 76 1.39 0.61 -22.84
N ARG A 77 1.49 0.46 -24.16
CA ARG A 77 2.76 0.10 -24.78
C ARG A 77 3.25 1.18 -25.75
N LEU A 78 2.61 2.35 -25.70
CA LEU A 78 3.04 3.51 -26.45
C LEU A 78 4.38 4.00 -25.91
N ALA A 79 5.28 4.44 -26.80
CA ALA A 79 6.59 4.92 -26.40
C ALA A 79 6.48 6.00 -25.33
N PRO A 80 7.36 5.95 -24.31
CA PRO A 80 7.35 6.92 -23.21
C PRO A 80 7.35 8.36 -23.71
N ALA A 81 8.20 8.65 -24.70
CA ALA A 81 8.29 10.01 -25.25
C ALA A 81 6.98 10.44 -25.90
N LYS A 82 6.26 9.49 -26.47
CA LYS A 82 4.95 9.79 -27.07
C LYS A 82 3.86 9.97 -25.99
N ARG A 83 3.91 9.18 -24.91
CA ARG A 83 2.97 9.37 -23.81
C ARG A 83 3.18 10.74 -23.17
N LYS A 84 4.44 11.11 -23.00
CA LYS A 84 4.81 12.43 -22.51
C LYS A 84 4.18 13.54 -23.35
N ALA A 85 4.37 13.46 -24.67
CA ALA A 85 3.84 14.48 -25.59
C ALA A 85 2.32 14.59 -25.49
N THR A 86 1.65 13.45 -25.38
CA THR A 86 0.19 13.43 -25.27
C THR A 86 -0.28 14.05 -23.96
N MET A 87 0.40 13.72 -22.86
CA MET A 87 0.04 14.26 -21.56
C MET A 87 0.20 15.77 -21.50
N ILE A 88 1.25 16.26 -22.16
CA ILE A 88 1.50 17.70 -22.23
C ILE A 88 0.43 18.40 -23.10
N ARG A 89 0.03 17.78 -24.21
CA ARG A 89 -1.08 18.32 -25.01
C ARG A 89 -2.39 18.32 -24.22
N PHE A 90 -2.60 17.27 -23.41
CA PHE A 90 -3.77 17.17 -22.55
C PHE A 90 -3.80 18.36 -21.59
N ALA A 91 -2.66 18.60 -20.94
CA ALA A 91 -2.56 19.74 -20.05
C ALA A 91 -2.81 21.04 -20.82
N GLY A 92 -2.26 21.13 -22.02
CA GLY A 92 -2.44 22.29 -22.86
C GLY A 92 -3.90 22.59 -23.21
N LEU A 93 -4.69 21.54 -23.35
CA LEU A 93 -6.10 21.71 -23.68
C LEU A 93 -6.91 22.16 -22.47
N LEU A 94 -6.46 21.81 -21.27
CA LEU A 94 -7.07 22.35 -20.06
C LEU A 94 -6.86 23.86 -20.02
N GLU A 95 -5.64 24.29 -20.29
CA GLU A 95 -5.33 25.72 -20.30
C GLU A 95 -6.09 26.45 -21.39
N GLN A 96 -6.16 25.84 -22.57
CA GLN A 96 -6.85 26.44 -23.72
C GLN A 96 -8.34 26.62 -23.43
N ASN A 97 -8.90 25.72 -22.63
CA ASN A 97 -10.31 25.79 -22.26
C ASN A 97 -10.53 26.24 -20.82
N ALA A 98 -9.57 27.00 -20.30
CA ALA A 98 -9.54 27.36 -18.88
C ALA A 98 -10.77 28.13 -18.41
N GLU A 99 -11.25 29.07 -19.22
CA GLU A 99 -12.37 29.89 -18.78
C GLU A 99 -13.65 29.07 -18.62
N GLU A 100 -13.92 28.19 -19.57
CA GLU A 100 -15.07 27.30 -19.47
C GLU A 100 -14.95 26.34 -18.28
N LEU A 101 -13.79 25.72 -18.12
CA LEU A 101 -13.56 24.77 -17.04
C LEU A 101 -13.65 25.45 -15.66
N ALA A 102 -13.09 26.65 -15.56
CA ALA A 102 -13.14 27.40 -14.31
C ALA A 102 -14.57 27.76 -13.95
N LEU A 103 -15.33 28.15 -14.97
CA LEU A 103 -16.71 28.53 -14.78
C LEU A 103 -17.55 27.33 -14.35
N LEU A 104 -17.33 26.18 -14.98
CA LEU A 104 -18.02 24.97 -14.59
C LEU A 104 -17.76 24.61 -13.13
N GLU A 105 -16.50 24.75 -12.70
CA GLU A 105 -16.12 24.42 -11.34
C GLU A 105 -16.82 25.33 -10.34
N THR A 106 -16.80 26.63 -10.63
CA THR A 106 -17.43 27.62 -9.78
C THR A 106 -18.95 27.40 -9.69
N LEU A 107 -19.59 27.19 -10.83
CA LEU A 107 -21.04 26.93 -10.83
C LEU A 107 -21.38 25.61 -10.13
N ASP A 108 -20.52 24.61 -10.30
CA ASP A 108 -20.81 23.28 -9.79
C ASP A 108 -20.74 23.19 -8.27
N MET A 109 -19.68 23.75 -7.69
CA MET A 109 -19.50 23.57 -6.25
C MET A 109 -19.21 24.86 -5.47
N GLY A 110 -19.25 26.00 -6.15
CA GLY A 110 -19.35 27.28 -5.46
C GLY A 110 -18.10 28.08 -5.12
N LYS A 111 -16.91 27.61 -5.52
CA LYS A 111 -15.70 28.35 -5.16
C LYS A 111 -15.57 29.61 -6.05
N PRO A 112 -14.88 30.65 -5.55
CA PRO A 112 -14.77 31.90 -6.31
C PRO A 112 -14.14 31.70 -7.69
N ILE A 113 -14.65 32.40 -8.69
CA ILE A 113 -14.20 32.24 -10.07
C ILE A 113 -12.71 32.57 -10.21
N SER A 114 -12.23 33.53 -9.41
CA SER A 114 -10.82 33.89 -9.45
C SER A 114 -9.95 32.76 -8.91
N ASP A 115 -10.46 32.01 -7.94
CA ASP A 115 -9.75 30.83 -7.46
C ASP A 115 -9.78 29.69 -8.50
N SER A 116 -10.95 29.43 -9.08
CA SER A 116 -11.04 28.41 -10.13
C SER A 116 -10.08 28.67 -11.28
N LEU A 117 -10.04 29.92 -11.71
CA LEU A 117 -9.22 30.34 -12.84
C LEU A 117 -7.74 30.42 -12.48
N GLY A 118 -7.44 30.90 -11.28
CA GLY A 118 -6.07 31.13 -10.84
C GLY A 118 -5.39 29.97 -10.15
N VAL A 119 -6.16 29.10 -9.51
CA VAL A 119 -5.55 28.00 -8.75
C VAL A 119 -5.90 26.64 -9.33
N ASP A 120 -7.19 26.36 -9.47
CA ASP A 120 -7.65 25.02 -9.84
C ASP A 120 -7.26 24.56 -11.24
N ILE A 121 -7.64 25.33 -12.26
CA ILE A 121 -7.33 24.93 -13.63
C ILE A 121 -5.80 24.87 -13.85
N PRO A 122 -5.04 25.94 -13.51
CA PRO A 122 -3.59 25.82 -13.67
C PRO A 122 -2.96 24.70 -12.85
N GLY A 123 -3.53 24.42 -11.68
CA GLY A 123 -3.03 23.37 -10.81
C GLY A 123 -3.27 21.99 -11.40
N GLY A 124 -4.45 21.80 -12.00
CA GLY A 124 -4.78 20.55 -12.67
C GLY A 124 -3.90 20.32 -13.89
N ALA A 125 -3.76 21.36 -14.70
CA ALA A 125 -2.94 21.29 -15.90
C ALA A 125 -1.49 20.93 -15.55
N ARG A 126 -0.99 21.57 -14.49
CA ARG A 126 0.37 21.38 -14.03
C ARG A 126 0.62 19.94 -13.57
N ALA A 127 -0.37 19.33 -12.94
CA ALA A 127 -0.21 17.94 -12.51
C ALA A 127 -0.10 17.02 -13.72
N LEU A 128 -0.87 17.30 -14.77
CA LEU A 128 -0.84 16.49 -15.99
C LEU A 128 0.47 16.65 -16.75
N SER A 129 0.92 17.89 -16.93
CA SER A 129 2.12 18.12 -17.73
C SER A 129 3.39 17.75 -16.96
N TRP A 130 3.42 18.03 -15.66
CA TRP A 130 4.61 17.68 -14.87
C TRP A 130 4.77 16.17 -14.86
N SER A 131 3.68 15.46 -14.62
CA SER A 131 3.71 14.01 -14.65
C SER A 131 4.16 13.49 -16.01
N GLY A 132 3.62 14.09 -17.08
CA GLY A 132 4.01 13.73 -18.43
C GLY A 132 5.49 13.95 -18.66
N GLU A 133 5.99 15.12 -18.24
CA GLU A 133 7.41 15.48 -18.39
C GLU A 133 8.33 14.48 -17.70
N ALA A 134 7.83 13.85 -16.63
CA ALA A 134 8.64 12.97 -15.79
C ALA A 134 8.82 11.58 -16.38
N ILE A 135 7.91 11.19 -17.28
CA ILE A 135 7.85 9.81 -17.76
C ILE A 135 9.21 9.23 -18.18
N ASP A 136 9.91 9.94 -19.06
CA ASP A 136 11.18 9.40 -19.57
C ASP A 136 12.38 9.92 -18.80
N LYS A 137 12.14 10.49 -17.62
CA LYS A 137 13.22 10.87 -16.72
C LYS A 137 13.35 9.84 -15.60
N LEU A 138 12.41 8.89 -15.56
CA LEU A 138 12.43 7.84 -14.56
C LEU A 138 13.26 6.64 -15.03
N TYR A 139 14.11 6.12 -14.16
CA TYR A 139 14.90 4.94 -14.47
C TYR A 139 14.56 3.82 -13.49
N ASP A 140 14.49 2.59 -14.00
CA ASP A 140 14.35 1.44 -13.11
C ASP A 140 15.74 0.91 -12.75
N GLU A 141 15.85 -0.33 -12.28
CA GLU A 141 17.09 -0.74 -11.62
C GLU A 141 17.73 -2.02 -12.15
N VAL A 142 19.05 -2.07 -12.00
CA VAL A 142 19.86 -3.25 -12.30
C VAL A 142 20.64 -3.61 -11.04
N ALA A 143 20.38 -4.78 -10.49
CA ALA A 143 20.97 -5.19 -9.22
C ALA A 143 22.43 -5.59 -9.37
N ALA A 144 23.18 -5.51 -8.26
CA ALA A 144 24.54 -6.03 -8.23
C ALA A 144 24.51 -7.54 -8.01
N THR A 145 24.90 -8.29 -9.03
CA THR A 145 24.74 -9.74 -9.05
C THR A 145 26.03 -10.43 -9.47
N PRO A 146 26.10 -11.77 -9.29
CA PRO A 146 27.26 -12.51 -9.82
C PRO A 146 27.40 -12.36 -11.34
N HIS A 147 28.57 -12.70 -11.86
CA HIS A 147 28.89 -12.52 -13.29
C HIS A 147 27.93 -13.24 -14.24
N ASP A 148 27.33 -14.35 -13.80
CA ASP A 148 26.49 -15.15 -14.68
C ASP A 148 25.00 -14.85 -14.47
N GLN A 149 24.73 -13.69 -13.87
CA GLN A 149 23.36 -13.27 -13.62
C GLN A 149 23.14 -11.83 -14.10
N LEU A 150 21.96 -11.58 -14.65
CA LEU A 150 21.50 -10.22 -14.90
C LEU A 150 20.19 -10.04 -14.15
N GLY A 151 20.19 -9.14 -13.18
CA GLY A 151 19.01 -8.93 -12.35
C GLY A 151 18.37 -7.60 -12.66
N LEU A 152 17.17 -7.63 -13.23
CA LEU A 152 16.44 -6.41 -13.56
C LEU A 152 15.32 -6.19 -12.57
N VAL A 153 15.18 -4.95 -12.10
CA VAL A 153 14.08 -4.60 -11.23
C VAL A 153 13.32 -3.46 -11.89
N THR A 154 12.17 -3.79 -12.49
CA THR A 154 11.47 -2.83 -13.33
C THR A 154 10.05 -2.58 -12.82
N ARG A 155 9.42 -1.54 -13.36
CA ARG A 155 8.06 -1.19 -13.00
C ARG A 155 7.13 -1.26 -14.20
N GLU A 156 5.94 -1.81 -14.00
CA GLU A 156 4.96 -1.95 -15.06
C GLU A 156 3.63 -1.43 -14.56
N PRO A 157 2.80 -0.89 -15.48
CA PRO A 157 1.49 -0.40 -15.02
C PRO A 157 0.62 -1.52 -14.48
N VAL A 158 -0.20 -1.22 -13.47
CA VAL A 158 -1.00 -2.25 -12.83
C VAL A 158 -2.13 -2.74 -13.74
N GLY A 159 -2.60 -1.87 -14.64
CA GLY A 159 -3.66 -2.27 -15.56
C GLY A 159 -4.85 -1.33 -15.55
N VAL A 160 -5.86 -1.67 -14.78
CA VAL A 160 -7.07 -0.85 -14.69
C VAL A 160 -7.16 -0.16 -13.33
N VAL A 161 -7.26 1.16 -13.35
CA VAL A 161 -7.27 1.96 -12.13
C VAL A 161 -8.63 2.64 -11.95
N ALA A 162 -9.25 2.47 -10.79
CA ALA A 162 -10.43 3.26 -10.44
C ALA A 162 -10.00 4.46 -9.61
N ALA A 163 -10.42 5.66 -10.01
CA ALA A 163 -10.11 6.87 -9.25
C ALA A 163 -11.39 7.52 -8.75
N ILE A 164 -11.55 7.57 -7.44
CA ILE A 164 -12.72 8.16 -6.81
C ILE A 164 -12.29 9.44 -6.11
N VAL A 165 -12.87 10.56 -6.52
CA VAL A 165 -12.40 11.88 -6.08
C VAL A 165 -13.53 12.72 -5.47
N PRO A 166 -13.17 13.75 -4.66
CA PRO A 166 -14.17 14.54 -3.95
C PRO A 166 -14.54 15.82 -4.68
N TRP A 167 -15.30 16.68 -3.99
CA TRP A 167 -15.87 17.86 -4.63
C TRP A 167 -15.17 19.18 -4.33
N ASN A 168 -14.17 19.18 -3.43
CA ASN A 168 -13.63 20.47 -2.99
C ASN A 168 -12.61 21.06 -3.96
N PHE A 169 -11.87 20.19 -4.65
CA PHE A 169 -11.04 20.60 -5.79
C PHE A 169 -11.27 19.59 -6.92
N PRO A 170 -12.44 19.65 -7.57
CA PRO A 170 -12.86 18.58 -8.48
C PRO A 170 -11.87 18.28 -9.60
N LEU A 171 -11.51 19.30 -10.38
CA LEU A 171 -10.59 19.06 -11.48
C LEU A 171 -9.16 18.80 -10.98
N MET A 172 -8.70 19.58 -10.02
CA MET A 172 -7.32 19.44 -9.57
C MET A 172 -7.07 18.06 -8.95
N MET A 173 -7.96 17.60 -8.08
CA MET A 173 -7.82 16.28 -7.47
C MET A 173 -7.91 15.17 -8.51
N ALA A 174 -8.78 15.33 -9.49
CA ALA A 174 -8.84 14.37 -10.59
C ALA A 174 -7.49 14.30 -11.29
N CYS A 175 -6.89 15.46 -11.53
CA CYS A 175 -5.60 15.53 -12.23
C CYS A 175 -4.43 15.01 -11.41
N TRP A 176 -4.49 15.19 -10.09
CA TRP A 176 -3.51 14.57 -9.21
C TRP A 176 -3.46 13.06 -9.38
N LYS A 177 -4.61 12.45 -9.69
CA LYS A 177 -4.66 11.01 -9.94
C LYS A 177 -4.34 10.72 -11.41
N LEU A 178 -4.98 11.45 -12.33
CA LEU A 178 -4.84 11.17 -13.76
C LEU A 178 -3.41 11.34 -14.27
N GLY A 179 -2.73 12.35 -13.75
CA GLY A 179 -1.36 12.61 -14.16
C GLY A 179 -0.47 11.38 -14.13
N PRO A 180 -0.16 10.88 -12.92
CA PRO A 180 0.68 9.68 -12.79
C PRO A 180 0.02 8.40 -13.30
N ALA A 181 -1.29 8.25 -13.15
CA ALA A 181 -1.97 7.02 -13.55
C ALA A 181 -1.94 6.83 -15.06
N LEU A 182 -2.24 7.89 -15.82
CA LEU A 182 -2.19 7.79 -17.26
C LEU A 182 -0.75 7.77 -17.77
N SER A 183 0.12 8.56 -17.14
CA SER A 183 1.52 8.64 -17.55
C SER A 183 2.23 7.29 -17.50
N THR A 184 1.88 6.47 -16.50
CA THR A 184 2.48 5.15 -16.36
C THR A 184 1.87 4.13 -17.31
N GLY A 185 0.81 4.51 -18.01
CA GLY A 185 0.23 3.66 -19.03
C GLY A 185 -1.06 2.93 -18.67
N ASN A 186 -1.61 3.19 -17.49
CA ASN A 186 -2.85 2.52 -17.11
C ASN A 186 -4.09 3.04 -17.83
N SER A 187 -5.15 2.23 -17.84
CA SER A 187 -6.48 2.74 -18.15
C SER A 187 -7.11 3.18 -16.84
N VAL A 188 -7.85 4.28 -16.87
CA VAL A 188 -8.45 4.83 -15.67
C VAL A 188 -9.96 4.98 -15.82
N VAL A 189 -10.70 4.54 -14.81
CA VAL A 189 -12.12 4.85 -14.68
C VAL A 189 -12.27 5.87 -13.55
N LEU A 190 -12.61 7.09 -13.94
CA LEU A 190 -12.74 8.21 -13.03
C LEU A 190 -14.18 8.36 -12.55
N LYS A 191 -14.36 8.44 -11.24
CA LYS A 191 -15.68 8.60 -10.63
C LYS A 191 -15.68 9.88 -9.81
N PRO A 192 -16.13 10.98 -10.43
CA PRO A 192 -16.20 12.26 -9.73
C PRO A 192 -17.30 12.26 -8.67
N SER A 193 -17.17 13.17 -7.71
CA SER A 193 -18.21 13.36 -6.71
C SER A 193 -19.54 13.73 -7.36
N GLU A 194 -20.62 13.18 -6.81
CA GLU A 194 -21.95 13.55 -7.27
C GLU A 194 -22.24 15.03 -7.00
N LYS A 195 -21.44 15.65 -6.13
CA LYS A 195 -21.61 17.07 -5.84
C LYS A 195 -20.85 17.96 -6.83
N SER A 196 -20.01 17.36 -7.66
CA SER A 196 -19.21 18.14 -8.60
C SER A 196 -18.77 17.32 -9.83
N PRO A 197 -19.74 16.85 -10.63
CA PRO A 197 -19.40 15.95 -11.73
C PRO A 197 -18.92 16.67 -12.99
N LEU A 198 -19.17 17.96 -13.10
CA LEU A 198 -19.15 18.62 -14.41
C LEU A 198 -17.78 18.70 -15.09
N THR A 199 -16.73 19.10 -14.37
CA THR A 199 -15.44 19.25 -15.05
C THR A 199 -14.84 17.89 -15.47
N ALA A 200 -15.02 16.87 -14.64
CA ALA A 200 -14.60 15.52 -15.00
C ALA A 200 -15.28 15.05 -16.29
N ILE A 201 -16.57 15.28 -16.40
CA ILE A 201 -17.32 14.92 -17.60
C ILE A 201 -16.74 15.64 -18.82
N ARG A 202 -16.43 16.92 -18.63
CA ARG A 202 -15.97 17.76 -19.74
C ARG A 202 -14.57 17.38 -20.23
N ILE A 203 -13.65 17.04 -19.32
CA ILE A 203 -12.28 16.75 -19.75
C ILE A 203 -12.13 15.39 -20.42
N ALA A 204 -13.15 14.54 -20.32
CA ALA A 204 -13.14 13.25 -21.03
C ALA A 204 -12.97 13.47 -22.54
N GLN A 205 -13.65 14.47 -23.05
CA GLN A 205 -13.56 14.85 -24.46
C GLN A 205 -12.18 15.43 -24.81
N LEU A 206 -11.65 16.25 -23.91
CA LEU A 206 -10.35 16.85 -24.12
C LEU A 206 -9.26 15.78 -24.16
N ALA A 207 -9.41 14.73 -23.36
CA ALA A 207 -8.43 13.65 -23.34
C ALA A 207 -8.33 13.01 -24.73
N ILE A 208 -9.48 12.74 -25.34
CA ILE A 208 -9.51 12.19 -26.69
C ILE A 208 -8.86 13.15 -27.70
N GLU A 209 -9.18 14.43 -27.58
CA GLU A 209 -8.61 15.43 -28.49
C GLU A 209 -7.08 15.50 -28.33
N ALA A 210 -6.57 15.29 -27.12
CA ALA A 210 -5.12 15.31 -26.91
C ALA A 210 -4.42 14.08 -27.50
N GLY A 211 -5.17 13.01 -27.71
CA GLY A 211 -4.60 11.80 -28.28
C GLY A 211 -4.67 10.58 -27.37
N ILE A 212 -5.30 10.72 -26.21
CA ILE A 212 -5.56 9.55 -25.36
C ILE A 212 -6.55 8.63 -26.07
N PRO A 213 -6.17 7.36 -26.28
CA PRO A 213 -7.04 6.42 -27.03
C PRO A 213 -8.38 6.16 -26.34
N ALA A 214 -9.39 5.82 -27.13
CA ALA A 214 -10.69 5.42 -26.59
C ALA A 214 -10.55 4.26 -25.60
N GLY A 215 -11.27 4.34 -24.50
CA GLY A 215 -11.23 3.28 -23.50
C GLY A 215 -10.23 3.53 -22.39
N VAL A 216 -9.26 4.40 -22.62
CA VAL A 216 -8.18 4.60 -21.66
C VAL A 216 -8.61 5.53 -20.51
N LEU A 217 -9.46 6.50 -20.81
CA LEU A 217 -10.07 7.32 -19.77
C LEU A 217 -11.60 7.34 -19.89
N ASN A 218 -12.26 6.62 -18.99
CA ASN A 218 -13.70 6.58 -18.93
C ASN A 218 -14.16 7.33 -17.69
N VAL A 219 -15.28 8.03 -17.78
CA VAL A 219 -15.77 8.83 -16.66
C VAL A 219 -17.21 8.44 -16.29
N LEU A 220 -17.41 8.06 -15.03
CA LEU A 220 -18.73 7.64 -14.56
C LEU A 220 -19.27 8.53 -13.44
N PRO A 221 -20.09 9.53 -13.80
CA PRO A 221 -20.75 10.31 -12.75
C PRO A 221 -21.81 9.47 -12.06
N GLY A 222 -22.11 9.79 -10.80
CA GLY A 222 -23.08 9.02 -10.04
C GLY A 222 -22.72 8.98 -8.57
N TYR A 223 -23.57 8.34 -7.76
CA TYR A 223 -23.41 8.34 -6.32
C TYR A 223 -22.32 7.39 -5.86
N GLY A 224 -21.73 7.70 -4.71
CA GLY A 224 -20.71 6.84 -4.13
C GLY A 224 -21.24 5.46 -3.80
N HIS A 225 -22.44 5.40 -3.23
CA HIS A 225 -22.97 4.12 -2.78
C HIS A 225 -23.51 3.26 -3.91
N THR A 226 -23.52 3.78 -5.14
CA THR A 226 -23.87 2.95 -6.29
C THR A 226 -22.64 2.65 -7.14
N VAL A 227 -22.24 3.58 -8.02
CA VAL A 227 -21.17 3.28 -8.96
C VAL A 227 -19.78 3.32 -8.29
N GLY A 228 -19.61 4.19 -7.29
CA GLY A 228 -18.36 4.23 -6.56
C GLY A 228 -18.06 2.90 -5.90
N LYS A 229 -19.04 2.41 -5.14
CA LYS A 229 -18.97 1.11 -4.50
C LYS A 229 -18.74 -0.02 -5.49
N ALA A 230 -19.45 0.03 -6.63
CA ALA A 230 -19.32 -1.00 -7.66
C ALA A 230 -17.90 -1.10 -8.20
N LEU A 231 -17.25 0.05 -8.39
CA LEU A 231 -15.87 0.08 -8.85
C LEU A 231 -14.92 -0.51 -7.79
N ALA A 232 -15.15 -0.15 -6.53
CA ALA A 232 -14.29 -0.63 -5.44
C ALA A 232 -14.44 -2.14 -5.20
N LEU A 233 -15.59 -2.68 -5.54
CA LEU A 233 -15.83 -4.12 -5.40
C LEU A 233 -15.55 -4.90 -6.68
N HIS A 234 -15.17 -4.21 -7.75
CA HIS A 234 -15.05 -4.89 -9.04
C HIS A 234 -13.88 -5.87 -9.07
N MET A 235 -14.12 -7.06 -9.60
CA MET A 235 -13.12 -8.12 -9.58
C MET A 235 -12.03 -7.97 -10.65
N ASP A 236 -12.18 -7.00 -11.54
CA ASP A 236 -11.16 -6.79 -12.56
C ASP A 236 -10.57 -5.37 -12.52
N VAL A 237 -10.77 -4.69 -11.40
CA VAL A 237 -10.07 -3.43 -11.15
C VAL A 237 -8.83 -3.76 -10.32
N ASP A 238 -7.65 -3.33 -10.78
CA ASP A 238 -6.41 -3.69 -10.12
C ASP A 238 -6.11 -2.81 -8.91
N THR A 239 -6.49 -1.54 -9.01
CA THR A 239 -6.11 -0.55 -8.01
C THR A 239 -7.22 0.46 -7.90
N VAL A 240 -7.54 0.87 -6.68
CA VAL A 240 -8.42 2.02 -6.50
C VAL A 240 -7.65 3.11 -5.75
N VAL A 241 -7.72 4.33 -6.27
CA VAL A 241 -7.16 5.47 -5.56
C VAL A 241 -8.32 6.37 -5.18
N PHE A 242 -8.23 6.95 -3.99
CA PHE A 242 -9.36 7.62 -3.38
C PHE A 242 -8.92 8.89 -2.67
N THR A 243 -9.73 9.93 -2.81
CA THR A 243 -9.60 11.12 -1.99
C THR A 243 -10.98 11.48 -1.45
N GLY A 244 -11.09 11.58 -0.14
CA GLY A 244 -12.38 11.83 0.49
C GLY A 244 -12.30 11.71 2.00
N SER A 245 -13.43 11.37 2.61
CA SER A 245 -13.49 11.24 4.05
C SER A 245 -12.78 9.98 4.55
N THR A 246 -12.38 10.01 5.80
CA THR A 246 -11.75 8.86 6.43
C THR A 246 -12.73 7.70 6.52
N LYS A 247 -14.00 8.00 6.81
CA LYS A 247 -15.02 6.97 6.93
C LYS A 247 -15.18 6.12 5.66
N ILE A 248 -15.27 6.78 4.51
CA ILE A 248 -15.40 6.07 3.24
C ILE A 248 -14.08 5.41 2.85
N ALA A 249 -12.98 6.07 3.16
CA ALA A 249 -11.66 5.51 2.90
C ALA A 249 -11.51 4.13 3.54
N LYS A 250 -11.91 4.00 4.80
CA LYS A 250 -11.88 2.72 5.49
C LYS A 250 -12.75 1.66 4.81
N GLN A 251 -13.91 2.07 4.33
CA GLN A 251 -14.83 1.16 3.67
C GLN A 251 -14.23 0.59 2.38
N LEU A 252 -13.35 1.36 1.73
CA LEU A 252 -12.70 0.88 0.51
C LEU A 252 -11.74 -0.28 0.82
N MET A 253 -11.08 -0.22 1.98
CA MET A 253 -10.21 -1.32 2.38
C MET A 253 -11.03 -2.58 2.58
N ILE A 254 -12.23 -2.41 3.13
CA ILE A 254 -13.14 -3.53 3.33
C ILE A 254 -13.61 -4.09 1.97
N TYR A 255 -13.99 -3.20 1.05
CA TYR A 255 -14.39 -3.63 -0.29
C TYR A 255 -13.29 -4.42 -1.01
N ALA A 256 -12.05 -3.98 -0.88
CA ALA A 256 -10.95 -4.68 -1.53
C ALA A 256 -10.80 -6.07 -0.95
N GLY A 257 -10.92 -6.18 0.38
CA GLY A 257 -10.85 -7.46 1.06
C GLY A 257 -11.99 -8.41 0.69
N GLU A 258 -13.16 -7.84 0.43
CA GLU A 258 -14.33 -8.63 0.08
C GLU A 258 -14.28 -9.09 -1.38
N SER A 259 -13.45 -8.45 -2.20
CA SER A 259 -13.46 -8.71 -3.63
C SER A 259 -12.17 -9.38 -4.10
N ASN A 260 -11.24 -8.61 -4.65
CA ASN A 260 -10.07 -9.20 -5.31
C ASN A 260 -8.70 -8.78 -4.76
N MET A 261 -8.69 -8.23 -3.54
CA MET A 261 -7.46 -7.76 -2.93
C MET A 261 -6.78 -6.68 -3.79
N LYS A 262 -7.59 -5.85 -4.46
CA LYS A 262 -7.04 -4.76 -5.25
C LYS A 262 -6.21 -3.84 -4.37
N ARG A 263 -5.20 -3.18 -4.94
CA ARG A 263 -4.43 -2.20 -4.17
C ARG A 263 -5.33 -1.02 -3.82
N VAL A 264 -5.17 -0.49 -2.61
CA VAL A 264 -5.98 0.61 -2.12
C VAL A 264 -5.09 1.74 -1.64
N TRP A 265 -5.24 2.92 -2.22
CA TRP A 265 -4.46 4.07 -1.85
C TRP A 265 -5.38 5.22 -1.46
N LEU A 266 -5.20 5.74 -0.25
CA LEU A 266 -6.17 6.66 0.34
C LEU A 266 -5.58 8.02 0.69
N GLU A 267 -6.33 9.07 0.38
CA GLU A 267 -6.04 10.41 0.85
C GLU A 267 -7.29 10.89 1.57
N ALA A 268 -7.22 11.03 2.89
CA ALA A 268 -8.43 11.22 3.68
C ALA A 268 -8.41 12.53 4.46
N GLY A 269 -9.13 12.57 5.57
CA GLY A 269 -9.30 13.81 6.29
C GLY A 269 -8.05 14.36 6.94
N GLY A 270 -8.18 15.54 7.53
CA GLY A 270 -7.09 16.15 8.27
C GLY A 270 -7.61 17.02 9.40
N LYS A 271 -6.77 17.27 10.39
CA LYS A 271 -7.05 18.29 11.40
C LYS A 271 -5.71 18.96 11.71
N SER A 272 -5.21 19.70 10.73
CA SER A 272 -3.82 20.13 10.72
C SER A 272 -3.52 21.25 11.71
N PRO A 273 -2.49 21.05 12.54
CA PRO A 273 -2.05 22.05 13.52
C PRO A 273 -1.08 23.07 12.92
N ASN A 274 -1.36 24.35 13.16
CA ASN A 274 -0.54 25.45 12.71
C ASN A 274 0.14 26.09 13.93
N ILE A 275 1.39 25.70 14.18
CA ILE A 275 2.09 26.08 15.41
C ILE A 275 2.91 27.35 15.28
N VAL A 276 2.52 28.38 16.03
CA VAL A 276 3.17 29.67 15.96
C VAL A 276 3.94 29.94 17.24
N PHE A 277 5.27 29.95 17.13
CA PHE A 277 6.13 30.23 18.27
C PHE A 277 6.35 31.72 18.43
N ALA A 278 6.67 32.13 19.66
CA ALA A 278 6.92 33.53 19.97
C ALA A 278 8.02 34.11 19.09
N ASP A 279 8.99 33.29 18.70
CA ASP A 279 10.10 33.80 17.90
C ASP A 279 9.93 33.58 16.39
N ALA A 280 8.68 33.49 15.93
CA ALA A 280 8.40 33.50 14.49
C ALA A 280 9.06 34.73 13.86
N PRO A 281 9.67 34.56 12.68
CA PRO A 281 10.40 35.69 12.06
C PRO A 281 9.50 36.85 11.67
N ASP A 282 8.26 36.55 11.30
CA ASP A 282 7.34 37.57 10.81
C ASP A 282 5.93 37.27 11.31
N LEU A 283 5.54 37.90 12.42
CA LEU A 283 4.24 37.59 13.00
C LEU A 283 3.08 38.01 12.11
N GLN A 284 3.26 39.08 11.34
CA GLN A 284 2.19 39.52 10.45
C GLN A 284 1.96 38.49 9.35
N ALA A 285 3.05 37.97 8.80
CA ALA A 285 2.98 36.90 7.82
C ALA A 285 2.31 35.67 8.42
N ALA A 286 2.65 35.35 9.67
CA ALA A 286 2.02 34.21 10.35
C ALA A 286 0.53 34.44 10.55
N ALA A 287 0.16 35.68 10.85
CA ALA A 287 -1.26 36.02 11.02
C ALA A 287 -2.02 35.94 9.70
N ASP A 288 -1.48 36.56 8.66
CA ASP A 288 -2.10 36.49 7.33
C ASP A 288 -2.28 35.05 6.90
N SER A 289 -1.24 34.25 7.09
CA SER A 289 -1.27 32.84 6.66
C SER A 289 -2.22 32.01 7.51
N ALA A 290 -2.32 32.31 8.80
CA ALA A 290 -3.23 31.57 9.66
C ALA A 290 -4.67 31.80 9.24
N ALA A 291 -4.98 33.03 8.81
CA ALA A 291 -6.32 33.34 8.35
C ALA A 291 -6.58 32.67 7.00
N SER A 292 -5.64 32.81 6.06
CA SER A 292 -5.76 32.18 4.75
C SER A 292 -5.89 30.66 4.89
N ALA A 293 -5.17 30.10 5.85
CA ALA A 293 -5.17 28.65 6.07
C ALA A 293 -6.54 28.09 6.40
N ILE A 294 -7.43 28.94 6.91
CA ILE A 294 -8.75 28.45 7.29
C ILE A 294 -9.86 29.02 6.40
N ALA A 295 -9.61 30.15 5.75
CA ALA A 295 -10.66 30.78 4.95
C ALA A 295 -10.59 30.44 3.45
N PHE A 296 -9.39 30.07 2.98
CA PHE A 296 -9.25 29.77 1.56
C PHE A 296 -10.13 28.59 1.17
N ASN A 297 -10.82 28.74 0.04
CA ASN A 297 -11.79 27.76 -0.43
C ASN A 297 -12.81 27.37 0.66
N GLN A 298 -13.29 28.37 1.39
CA GLN A 298 -14.36 28.19 2.38
C GLN A 298 -13.99 27.21 3.48
N GLY A 299 -12.69 26.98 3.68
CA GLY A 299 -12.23 26.04 4.68
C GLY A 299 -12.44 24.60 4.25
N GLU A 300 -12.86 24.43 3.00
CA GLU A 300 -13.11 23.11 2.45
C GLU A 300 -11.82 22.58 1.83
N VAL A 301 -10.82 22.43 2.70
CA VAL A 301 -9.48 22.01 2.31
C VAL A 301 -9.01 20.96 3.30
N CYS A 302 -8.51 19.85 2.78
CA CYS A 302 -8.05 18.76 3.62
C CYS A 302 -6.96 19.21 4.60
N THR A 303 -6.06 20.05 4.10
CA THR A 303 -4.99 20.60 4.93
C THR A 303 -5.30 21.97 5.54
N ALA A 304 -6.56 22.31 5.69
CA ALA A 304 -6.90 23.58 6.33
C ALA A 304 -6.23 23.63 7.69
N GLY A 305 -5.66 24.78 8.02
CA GLY A 305 -5.02 24.95 9.32
C GLY A 305 -6.10 25.18 10.36
N SER A 306 -6.82 24.12 10.73
CA SER A 306 -8.02 24.25 11.55
C SER A 306 -7.73 24.31 13.05
N ARG A 307 -6.53 23.89 13.45
CA ARG A 307 -6.07 24.11 14.81
C ARG A 307 -4.88 25.05 14.80
N LEU A 308 -5.08 26.22 15.37
CA LEU A 308 -4.03 27.21 15.53
C LEU A 308 -3.45 27.10 16.94
N LEU A 309 -2.20 26.66 17.04
CA LEU A 309 -1.50 26.52 18.31
C LEU A 309 -0.54 27.69 18.48
N VAL A 310 -0.80 28.55 19.47
CA VAL A 310 0.01 29.74 19.64
C VAL A 310 0.72 29.76 21.00
N GLU A 311 2.02 30.04 20.99
CA GLU A 311 2.77 30.16 22.23
C GLU A 311 2.13 31.23 23.08
N ARG A 312 1.88 30.91 24.35
CA ARG A 312 1.01 31.74 25.18
C ARG A 312 1.48 33.19 25.32
N SER A 313 2.80 33.39 25.34
CA SER A 313 3.37 34.72 25.54
C SER A 313 3.09 35.71 24.40
N ILE A 314 2.68 35.21 23.23
CA ILE A 314 2.32 36.12 22.14
C ILE A 314 0.84 36.07 21.79
N LYS A 315 0.08 35.24 22.51
CA LYS A 315 -1.32 35.01 22.21
C LYS A 315 -2.16 36.29 22.22
N ASP A 316 -1.97 37.13 23.24
CA ASP A 316 -2.77 38.34 23.38
C ASP A 316 -2.49 39.36 22.25
N ARG A 317 -1.27 39.34 21.73
CA ARG A 317 -0.92 40.21 20.63
C ARG A 317 -1.32 39.58 19.28
N PHE A 318 -1.19 38.27 19.18
CA PHE A 318 -1.33 37.56 17.91
C PHE A 318 -2.79 37.34 17.49
N LEU A 319 -3.65 36.97 18.44
CA LEU A 319 -5.04 36.66 18.10
C LEU A 319 -5.77 37.85 17.46
N PRO A 320 -5.57 39.09 17.97
CA PRO A 320 -6.21 40.21 17.26
C PRO A 320 -5.68 40.39 15.83
N MET A 321 -4.42 40.07 15.60
CA MET A 321 -3.86 40.13 14.25
C MET A 321 -4.55 39.11 13.34
N VAL A 322 -4.85 37.94 13.89
CA VAL A 322 -5.50 36.89 13.12
C VAL A 322 -6.95 37.24 12.82
N ILE A 323 -7.63 37.83 13.79
CA ILE A 323 -9.00 38.31 13.60
C ILE A 323 -9.06 39.38 12.51
N GLU A 324 -8.14 40.34 12.54
CA GLU A 324 -8.13 41.39 11.53
C GLU A 324 -7.84 40.83 10.14
N ALA A 325 -6.92 39.88 10.06
CA ALA A 325 -6.60 39.26 8.78
C ALA A 325 -7.79 38.47 8.26
N LEU A 326 -8.48 37.78 9.17
CA LEU A 326 -9.60 36.94 8.75
C LEU A 326 -10.75 37.80 8.25
N GLY A 327 -10.83 39.02 8.75
CA GLY A 327 -11.87 39.95 8.33
C GLY A 327 -11.75 40.39 6.89
N THR A 328 -10.61 40.14 6.25
CA THR A 328 -10.45 40.49 4.85
C THR A 328 -10.97 39.39 3.93
N TRP A 329 -11.30 38.24 4.51
CA TRP A 329 -11.86 37.13 3.77
C TRP A 329 -13.38 37.17 3.88
N LYS A 330 -14.04 37.61 2.82
CA LYS A 330 -15.47 37.87 2.87
C LYS A 330 -16.26 37.08 1.82
N PRO A 331 -17.25 36.32 2.27
CA PRO A 331 -18.16 35.59 1.38
C PRO A 331 -18.85 36.55 0.42
N GLY A 332 -19.06 36.12 -0.81
CA GLY A 332 -19.74 36.94 -1.79
C GLY A 332 -20.07 36.11 -3.02
N ASN A 333 -20.62 36.77 -4.03
CA ASN A 333 -20.99 36.13 -5.28
C ASN A 333 -19.77 35.48 -5.93
N PRO A 334 -19.80 34.15 -6.09
CA PRO A 334 -18.66 33.42 -6.64
C PRO A 334 -18.33 33.81 -8.08
N LEU A 335 -19.29 34.43 -8.77
CA LEU A 335 -19.05 34.87 -10.15
C LEU A 335 -18.43 36.25 -10.21
N ASP A 336 -18.33 36.92 -9.07
CA ASP A 336 -17.64 38.21 -8.99
C ASP A 336 -16.13 37.95 -8.82
N PRO A 337 -15.30 38.52 -9.71
CA PRO A 337 -13.86 38.25 -9.70
C PRO A 337 -13.19 38.77 -8.43
N ALA A 338 -13.85 39.69 -7.73
CA ALA A 338 -13.27 40.29 -6.52
C ALA A 338 -13.52 39.42 -5.28
N THR A 339 -14.48 38.50 -5.38
CA THR A 339 -14.83 37.63 -4.27
C THR A 339 -13.68 36.68 -3.90
N ASN A 340 -13.35 36.60 -2.60
CA ASN A 340 -12.27 35.71 -2.17
C ASN A 340 -12.75 34.55 -1.29
N VAL A 341 -14.02 34.56 -0.94
CA VAL A 341 -14.65 33.44 -0.23
C VAL A 341 -15.99 33.13 -0.89
N GLY A 342 -16.20 31.88 -1.31
CA GLY A 342 -17.40 31.55 -2.06
C GLY A 342 -18.49 30.90 -1.24
N ALA A 343 -19.35 30.15 -1.92
CA ALA A 343 -20.41 29.41 -1.25
C ALA A 343 -19.89 28.06 -0.76
N LEU A 344 -20.52 27.51 0.27
CA LEU A 344 -20.28 26.12 0.63
C LEU A 344 -21.00 25.23 -0.38
N VAL A 345 -20.53 24.00 -0.54
CA VAL A 345 -20.93 23.19 -1.70
C VAL A 345 -22.44 22.90 -1.77
N ASP A 346 -23.10 22.77 -0.62
CA ASP A 346 -24.55 22.56 -0.59
C ASP A 346 -25.13 22.76 0.82
N THR A 347 -26.46 22.61 0.91
CA THR A 347 -27.17 22.80 2.17
C THR A 347 -26.73 21.80 3.23
N GLN A 348 -26.49 20.57 2.80
CA GLN A 348 -26.03 19.50 3.69
C GLN A 348 -24.71 19.86 4.38
N GLN A 349 -23.76 20.34 3.57
CA GLN A 349 -22.46 20.74 4.10
C GLN A 349 -22.60 21.92 5.04
N MET A 350 -23.39 22.92 4.64
CA MET A 350 -23.59 24.11 5.44
C MET A 350 -24.19 23.78 6.81
N ASN A 351 -25.12 22.83 6.82
CA ASN A 351 -25.77 22.46 8.07
C ASN A 351 -24.81 21.70 9.00
N THR A 352 -23.90 20.93 8.42
CA THR A 352 -22.83 20.30 9.18
C THR A 352 -21.95 21.35 9.84
N VAL A 353 -21.54 22.35 9.05
CA VAL A 353 -20.67 23.41 9.54
C VAL A 353 -21.34 24.19 10.67
N LEU A 354 -22.61 24.52 10.47
CA LEU A 354 -23.39 25.26 11.47
C LEU A 354 -23.56 24.46 12.77
N SER A 355 -23.66 23.14 12.64
CA SER A 355 -23.80 22.28 13.79
C SER A 355 -22.49 22.20 14.58
N TYR A 356 -21.36 22.26 13.88
CA TYR A 356 -20.06 22.28 14.56
C TYR A 356 -19.86 23.63 15.28
N ILE A 357 -20.26 24.72 14.64
CA ILE A 357 -20.22 26.03 15.29
C ILE A 357 -21.06 26.00 16.57
N ALA A 358 -22.21 25.34 16.50
CA ALA A 358 -23.05 25.16 17.67
C ALA A 358 -22.34 24.32 18.74
N ALA A 359 -21.59 23.32 18.29
CA ALA A 359 -20.85 22.45 19.21
C ALA A 359 -19.71 23.20 19.90
N GLY A 360 -19.14 24.18 19.20
CA GLY A 360 -18.10 25.01 19.78
C GLY A 360 -18.63 25.76 20.99
N HIS A 361 -19.82 26.33 20.85
CA HIS A 361 -20.47 27.01 21.97
C HIS A 361 -20.74 26.01 23.10
N THR A 362 -21.31 24.87 22.72
CA THR A 362 -21.74 23.87 23.69
C THR A 362 -20.59 23.32 24.55
N ASP A 363 -19.46 23.04 23.91
CA ASP A 363 -18.33 22.44 24.62
C ASP A 363 -17.53 23.48 25.42
N GLY A 364 -17.88 24.75 25.29
CA GLY A 364 -17.31 25.79 26.12
C GLY A 364 -16.26 26.69 25.47
N ALA A 365 -16.17 26.68 24.15
CA ALA A 365 -15.22 27.58 23.47
C ALA A 365 -15.79 28.99 23.37
N ARG A 366 -14.92 29.95 23.12
CA ARG A 366 -15.30 31.37 23.07
C ARG A 366 -15.31 31.90 21.64
N LEU A 367 -16.50 32.23 21.13
CA LEU A 367 -16.62 32.84 19.81
C LEU A 367 -16.00 34.22 19.81
N VAL A 368 -15.00 34.44 18.96
CA VAL A 368 -14.38 35.77 18.88
C VAL A 368 -14.48 36.39 17.49
N ALA A 369 -15.00 35.62 16.53
CA ALA A 369 -15.19 36.16 15.18
C ALA A 369 -16.17 35.31 14.37
N GLY A 370 -16.97 35.97 13.54
CA GLY A 370 -17.91 35.28 12.66
C GLY A 370 -18.99 34.54 13.42
N GLY A 371 -19.35 33.36 12.94
CA GLY A 371 -20.25 32.47 13.67
C GLY A 371 -21.62 32.25 13.07
N LYS A 372 -21.92 32.91 11.94
CA LYS A 372 -23.27 32.86 11.38
C LYS A 372 -23.32 32.53 9.89
N GLN A 373 -24.42 31.92 9.48
CA GLN A 373 -24.76 31.82 8.07
C GLN A 373 -25.06 33.23 7.53
N ILE A 374 -24.73 33.50 6.27
CA ILE A 374 -25.08 34.79 5.67
C ILE A 374 -25.56 34.69 4.23
N LEU A 375 -26.00 35.83 3.70
CA LEU A 375 -26.43 35.95 2.30
C LEU A 375 -27.53 34.97 1.94
N GLN A 376 -28.45 34.72 2.87
CA GLN A 376 -29.53 33.77 2.65
C GLN A 376 -30.41 34.15 1.46
N GLU A 377 -30.60 35.45 1.26
CA GLU A 377 -31.48 35.98 0.22
C GLU A 377 -31.03 35.60 -1.20
N THR A 378 -29.76 35.22 -1.35
CA THR A 378 -29.21 34.87 -2.65
C THR A 378 -29.74 33.54 -3.17
N GLY A 379 -30.29 32.73 -2.27
CA GLY A 379 -30.71 31.39 -2.61
C GLY A 379 -29.53 30.42 -2.55
N GLY A 380 -28.38 30.92 -2.09
CA GLY A 380 -27.20 30.10 -1.95
C GLY A 380 -26.82 29.82 -0.50
N THR A 381 -25.71 29.11 -0.32
CA THR A 381 -25.27 28.71 1.02
C THR A 381 -23.92 29.32 1.37
N TYR A 382 -23.93 30.27 2.31
CA TYR A 382 -22.73 31.00 2.71
C TYR A 382 -22.58 31.07 4.23
N VAL A 383 -21.36 30.91 4.72
CA VAL A 383 -21.07 31.01 6.16
C VAL A 383 -19.85 31.92 6.40
N GLU A 384 -19.94 32.77 7.42
CA GLU A 384 -18.81 33.61 7.82
C GLU A 384 -17.63 32.78 8.28
N PRO A 385 -16.42 33.16 7.87
CA PRO A 385 -15.22 32.61 8.49
C PRO A 385 -15.30 32.83 10.01
N THR A 386 -15.03 31.79 10.78
CA THR A 386 -15.36 31.78 12.21
C THR A 386 -14.16 31.36 13.06
N ILE A 387 -14.00 32.00 14.22
CA ILE A 387 -12.92 31.66 15.13
C ILE A 387 -13.44 31.39 16.54
N PHE A 388 -12.98 30.29 17.13
CA PHE A 388 -13.20 30.02 18.54
C PHE A 388 -11.89 30.09 19.31
N ASP A 389 -11.89 30.87 20.38
CA ASP A 389 -10.73 30.98 21.27
C ASP A 389 -10.97 30.10 22.48
N GLY A 390 -9.93 29.89 23.29
CA GLY A 390 -10.04 29.11 24.51
C GLY A 390 -10.44 27.67 24.25
N VAL A 391 -9.93 27.10 23.17
CA VAL A 391 -10.24 25.73 22.81
C VAL A 391 -9.25 24.78 23.47
N ASN A 392 -9.78 23.71 24.03
CA ASN A 392 -8.97 22.60 24.53
C ASN A 392 -9.00 21.45 23.52
N ASN A 393 -7.89 20.74 23.35
CA ASN A 393 -7.76 19.77 22.27
C ASN A 393 -8.73 18.58 22.35
N ALA A 394 -9.41 18.44 23.48
CA ALA A 394 -10.36 17.33 23.64
C ALA A 394 -11.76 17.72 23.18
N MET A 395 -11.97 19.01 22.88
CA MET A 395 -13.26 19.47 22.40
C MET A 395 -13.55 18.94 21.00
N ARG A 396 -14.82 18.76 20.68
CA ARG A 396 -15.22 18.21 19.39
C ARG A 396 -14.67 19.04 18.23
N ILE A 397 -14.67 20.36 18.36
CA ILE A 397 -14.21 21.21 17.27
C ILE A 397 -12.69 21.15 17.12
N ALA A 398 -12.02 20.57 18.11
CA ALA A 398 -10.58 20.36 18.03
C ALA A 398 -10.25 18.99 17.47
N GLN A 399 -11.08 18.00 17.78
CA GLN A 399 -10.83 16.62 17.35
C GLN A 399 -11.40 16.29 15.97
N GLU A 400 -12.58 16.81 15.67
CA GLU A 400 -13.27 16.41 14.44
C GLU A 400 -13.08 17.39 13.28
N GLU A 401 -12.95 16.83 12.07
CA GLU A 401 -12.82 17.65 10.87
C GLU A 401 -14.15 18.33 10.56
N ILE A 402 -14.13 19.65 10.43
CA ILE A 402 -15.36 20.40 10.21
C ILE A 402 -15.60 20.67 8.72
N PHE A 403 -14.51 20.93 8.00
CA PHE A 403 -14.56 21.21 6.57
C PHE A 403 -15.43 22.43 6.27
N GLY A 404 -15.26 23.45 7.09
CA GLY A 404 -15.83 24.77 6.85
C GLY A 404 -14.80 25.76 7.37
N PRO A 405 -15.08 27.05 7.24
CA PRO A 405 -14.08 28.04 7.68
C PRO A 405 -14.15 28.29 9.18
N VAL A 406 -13.93 27.24 9.97
CA VAL A 406 -14.03 27.32 11.43
C VAL A 406 -12.68 27.03 12.09
N LEU A 407 -12.12 28.03 12.76
CA LEU A 407 -10.80 27.92 13.38
C LEU A 407 -10.87 27.67 14.89
N SER A 408 -10.06 26.74 15.37
CA SER A 408 -9.89 26.54 16.81
C SER A 408 -8.54 27.08 17.27
N VAL A 409 -8.54 27.89 18.31
CA VAL A 409 -7.30 28.48 18.81
C VAL A 409 -6.89 27.91 20.16
N LEU A 410 -5.70 27.31 20.20
CA LEU A 410 -5.19 26.68 21.43
C LEU A 410 -3.87 27.33 21.83
N THR A 411 -3.53 27.25 23.11
CA THR A 411 -2.25 27.80 23.56
C THR A 411 -1.33 26.72 24.15
N PHE A 412 -0.04 27.02 24.18
CA PHE A 412 0.97 26.16 24.79
C PHE A 412 2.09 27.02 25.36
N ASP A 413 2.94 26.44 26.20
CA ASP A 413 4.04 27.20 26.81
C ASP A 413 5.43 26.62 26.55
N THR A 414 5.49 25.39 26.07
CA THR A 414 6.75 24.75 25.70
C THR A 414 6.64 24.07 24.35
N ALA A 415 7.77 23.90 23.66
CA ALA A 415 7.79 23.20 22.39
C ALA A 415 7.25 21.78 22.54
N GLU A 416 7.63 21.13 23.64
CA GLU A 416 7.24 19.76 23.91
C GLU A 416 5.71 19.62 23.99
N GLU A 417 5.07 20.60 24.63
CA GLU A 417 3.60 20.58 24.72
C GLU A 417 2.97 20.84 23.37
N ALA A 418 3.57 21.73 22.58
CA ALA A 418 3.09 22.04 21.24
C ALA A 418 3.05 20.78 20.40
N ILE A 419 4.12 20.00 20.46
CA ILE A 419 4.22 18.75 19.72
C ILE A 419 3.19 17.72 20.21
N GLN A 420 3.04 17.60 21.53
CA GLN A 420 2.07 16.67 22.10
C GLN A 420 0.65 16.99 21.63
N ILE A 421 0.28 18.26 21.71
CA ILE A 421 -1.05 18.68 21.29
C ILE A 421 -1.22 18.45 19.79
N ALA A 422 -0.22 18.82 19.02
CA ALA A 422 -0.27 18.73 17.57
C ALA A 422 -0.43 17.27 17.12
N ASN A 423 0.22 16.35 17.83
CA ASN A 423 0.18 14.94 17.46
C ASN A 423 -1.02 14.21 18.08
N ASP A 424 -1.78 14.92 18.91
CA ASP A 424 -2.92 14.31 19.60
C ASP A 424 -4.16 14.33 18.69
N THR A 425 -4.17 13.41 17.73
CA THR A 425 -5.16 13.36 16.69
C THR A 425 -5.05 12.00 16.01
N PRO A 426 -6.16 11.49 15.47
CA PRO A 426 -6.07 10.29 14.62
C PRO A 426 -5.56 10.62 13.23
N TYR A 427 -5.49 11.91 12.93
CA TYR A 427 -5.09 12.37 11.60
C TYR A 427 -3.59 12.65 11.51
N GLY A 428 -3.13 13.05 10.33
CA GLY A 428 -1.73 13.34 10.12
C GLY A 428 -1.44 13.79 8.70
N LEU A 429 -2.24 14.71 8.18
CA LEU A 429 -2.12 15.12 6.79
C LEU A 429 -1.05 16.20 6.65
N ALA A 430 -1.16 17.24 7.47
CA ALA A 430 -0.19 18.32 7.41
C ALA A 430 -0.04 18.99 8.77
N ALA A 431 0.97 19.85 8.88
CA ALA A 431 1.21 20.65 10.06
C ALA A 431 2.11 21.82 9.65
N ALA A 432 2.14 22.88 10.45
CA ALA A 432 3.10 23.95 10.18
C ALA A 432 3.77 24.46 11.45
N VAL A 433 4.99 24.98 11.27
CA VAL A 433 5.79 25.49 12.38
C VAL A 433 6.35 26.85 12.04
N TRP A 434 6.20 27.82 12.93
CA TRP A 434 6.73 29.15 12.70
C TRP A 434 7.74 29.49 13.78
N THR A 435 9.01 29.56 13.38
CA THR A 435 10.10 29.91 14.29
C THR A 435 11.34 30.31 13.51
N ALA A 436 12.11 31.24 14.06
CA ALA A 436 13.34 31.69 13.42
C ALA A 436 14.54 30.86 13.87
N ASN A 437 14.32 29.98 14.83
CA ASN A 437 15.41 29.19 15.40
C ASN A 437 15.73 27.96 14.55
N LEU A 438 16.99 27.79 14.20
CA LEU A 438 17.41 26.67 13.35
C LEU A 438 17.07 25.31 13.97
N SER A 439 17.51 25.09 15.20
CA SER A 439 17.29 23.81 15.87
C SER A 439 15.81 23.56 16.12
N LYS A 440 15.12 24.55 16.64
CA LYS A 440 13.71 24.35 16.98
C LYS A 440 12.89 24.07 15.72
N ALA A 441 13.25 24.70 14.60
CA ALA A 441 12.52 24.47 13.36
C ALA A 441 12.65 23.01 12.90
N HIS A 442 13.87 22.51 12.84
CA HIS A 442 14.11 21.17 12.30
C HIS A 442 13.66 20.08 13.27
N LEU A 443 13.97 20.24 14.56
CA LEU A 443 13.57 19.24 15.55
C LEU A 443 12.05 19.17 15.70
N THR A 444 11.38 20.32 15.66
CA THR A 444 9.92 20.30 15.79
C THR A 444 9.30 19.68 14.55
N ALA A 445 9.76 20.09 13.37
CA ALA A 445 9.27 19.53 12.11
C ALA A 445 9.43 18.01 12.10
N ARG A 446 10.59 17.55 12.57
CA ARG A 446 10.91 16.13 12.61
C ARG A 446 9.96 15.37 13.52
N ALA A 447 9.50 16.01 14.58
CA ALA A 447 8.68 15.35 15.60
C ALA A 447 7.19 15.30 15.26
N LEU A 448 6.75 16.13 14.30
CA LEU A 448 5.35 16.14 13.91
C LEU A 448 5.00 14.98 12.99
N ARG A 449 3.98 14.21 13.34
CA ARG A 449 3.58 13.04 12.57
C ARG A 449 2.60 13.44 11.47
N ALA A 450 3.12 14.04 10.42
CA ALA A 450 2.28 14.56 9.33
C ALA A 450 2.99 14.46 7.99
N GLY A 451 2.24 14.20 6.94
CA GLY A 451 2.82 13.98 5.62
C GLY A 451 3.47 15.23 5.02
N SER A 452 2.93 16.39 5.36
CA SER A 452 3.56 17.65 4.97
C SER A 452 3.81 18.49 6.20
N VAL A 453 5.01 19.05 6.33
CA VAL A 453 5.28 20.00 7.40
C VAL A 453 5.82 21.28 6.79
N TRP A 454 5.11 22.38 7.02
CA TRP A 454 5.48 23.65 6.43
C TRP A 454 6.13 24.54 7.49
N VAL A 455 7.29 25.10 7.16
CA VAL A 455 8.02 25.90 8.13
C VAL A 455 8.09 27.35 7.66
N ASN A 456 7.60 28.24 8.52
CA ASN A 456 7.53 29.68 8.25
C ASN A 456 6.75 30.00 6.99
N GLN A 457 5.75 29.17 6.72
CA GLN A 457 4.80 29.37 5.66
C GLN A 457 3.65 28.39 5.89
N TYR A 458 2.54 28.57 5.17
CA TYR A 458 1.49 27.55 5.17
C TYR A 458 1.13 27.19 3.73
N ASP A 459 0.63 25.97 3.54
CA ASP A 459 0.21 25.49 2.22
C ASP A 459 1.36 25.55 1.21
N GLY A 460 2.52 25.05 1.60
CA GLY A 460 3.69 25.10 0.74
C GLY A 460 3.83 23.87 -0.15
N GLY A 461 4.90 23.84 -0.93
CA GLY A 461 5.16 22.72 -1.83
C GLY A 461 4.62 22.98 -3.21
N ASP A 462 5.10 22.20 -4.19
CA ASP A 462 4.59 22.27 -5.55
C ASP A 462 4.55 20.85 -6.07
N MET A 463 4.66 20.64 -7.38
CA MET A 463 4.58 19.28 -7.91
C MET A 463 5.74 18.38 -7.48
N THR A 464 6.81 18.96 -6.92
CA THR A 464 7.95 18.15 -6.52
C THR A 464 7.78 17.56 -5.12
N ALA A 465 6.72 17.98 -4.44
CA ALA A 465 6.51 17.60 -3.04
C ALA A 465 5.41 16.56 -2.87
N PRO A 466 5.76 15.34 -2.44
CA PRO A 466 4.78 14.30 -2.15
C PRO A 466 3.78 14.80 -1.12
N PHE A 467 2.52 14.41 -1.27
CA PHE A 467 1.44 14.93 -0.46
C PHE A 467 0.55 13.76 -0.03
N GLY A 468 0.32 13.62 1.27
CA GLY A 468 -0.53 12.54 1.76
C GLY A 468 -0.42 12.34 3.26
N GLY A 469 -1.08 11.32 3.79
CA GLY A 469 -1.26 11.23 5.24
C GLY A 469 -0.40 10.26 6.02
N PHE A 470 -0.16 10.60 7.28
CA PHE A 470 0.19 9.64 8.31
C PHE A 470 -1.12 9.13 8.88
N LYS A 471 -1.11 7.95 9.49
CA LYS A 471 -2.25 7.45 10.26
C LYS A 471 -3.57 7.48 9.47
N GLN A 472 -4.63 8.02 10.06
CA GLN A 472 -5.93 7.92 9.42
C GLN A 472 -6.18 9.01 8.38
N SER A 473 -5.14 9.74 8.02
CA SER A 473 -5.23 10.70 6.92
C SER A 473 -4.90 10.03 5.58
N GLY A 474 -4.53 8.75 5.62
CA GLY A 474 -4.34 8.00 4.39
C GLY A 474 -3.03 7.24 4.26
N ASN A 475 -2.83 6.66 3.08
CA ASN A 475 -1.58 5.98 2.76
C ASN A 475 -1.17 6.31 1.33
N GLY A 476 0.12 6.37 1.08
CA GLY A 476 0.61 6.75 -0.24
C GLY A 476 0.59 8.26 -0.45
N ARG A 477 1.15 8.70 -1.57
CA ARG A 477 1.36 10.11 -1.79
C ARG A 477 0.93 10.54 -3.19
N ASP A 478 0.32 11.71 -3.28
CA ASP A 478 0.04 12.37 -4.55
C ASP A 478 1.13 13.41 -4.82
N LYS A 479 1.27 13.79 -6.09
CA LYS A 479 2.32 14.67 -6.57
C LYS A 479 3.70 14.00 -6.45
N SER A 480 4.71 14.66 -7.01
CA SER A 480 6.09 14.16 -7.08
C SER A 480 6.18 12.88 -7.88
N LEU A 481 7.40 12.34 -7.95
CA LEU A 481 7.63 11.06 -8.63
C LEU A 481 7.07 9.90 -7.82
N HIS A 482 6.94 10.11 -6.51
CA HIS A 482 6.46 9.06 -5.62
C HIS A 482 5.01 8.67 -5.93
N ALA A 483 4.26 9.58 -6.53
CA ALA A 483 2.87 9.28 -6.90
C ALA A 483 2.78 8.15 -7.94
N PHE A 484 3.79 8.04 -8.79
CA PHE A 484 3.82 7.02 -9.83
C PHE A 484 3.78 5.61 -9.26
N ASP A 485 4.35 5.45 -8.07
CA ASP A 485 4.45 4.12 -7.46
C ASP A 485 3.08 3.52 -7.11
N LYS A 486 2.05 4.35 -7.02
CA LYS A 486 0.71 3.83 -6.74
C LYS A 486 0.08 3.14 -7.95
N TYR A 487 0.66 3.35 -9.12
CA TYR A 487 0.03 2.91 -10.37
C TYR A 487 0.88 1.88 -11.09
N THR A 488 1.92 1.39 -10.43
CA THR A 488 2.79 0.39 -11.03
C THR A 488 3.10 -0.78 -10.10
N GLU A 489 3.62 -1.85 -10.68
CA GLU A 489 4.06 -3.05 -9.94
C GLU A 489 5.53 -3.29 -10.21
N LEU A 490 6.27 -3.67 -9.17
CA LEU A 490 7.67 -4.06 -9.31
C LEU A 490 7.82 -5.50 -9.82
N LYS A 491 8.76 -5.70 -10.74
CA LYS A 491 9.08 -7.02 -11.23
C LYS A 491 10.57 -7.26 -11.15
N SER A 492 10.94 -8.41 -10.58
CA SER A 492 12.33 -8.82 -10.53
C SER A 492 12.59 -9.88 -11.59
N THR A 493 13.30 -9.52 -12.64
CA THR A 493 13.61 -10.47 -13.71
C THR A 493 15.07 -10.92 -13.55
N TRP A 494 15.27 -12.13 -13.07
CA TRP A 494 16.61 -12.65 -12.85
C TRP A 494 17.00 -13.64 -13.93
N ILE A 495 18.02 -13.27 -14.71
CA ILE A 495 18.39 -13.98 -15.91
C ILE A 495 19.72 -14.68 -15.76
N LYS A 496 19.72 -15.99 -15.89
CA LYS A 496 20.99 -16.72 -15.84
C LYS A 496 21.65 -16.71 -17.21
N LEU A 497 22.92 -16.35 -17.22
CA LEU A 497 23.68 -16.20 -18.45
C LEU A 497 24.70 -17.32 -18.61
N THR B 3 30.76 -33.06 9.84
CA THR B 3 29.32 -32.96 9.63
C THR B 3 28.57 -33.96 10.52
N LEU B 4 27.52 -33.48 11.16
CA LEU B 4 26.74 -34.30 12.08
C LEU B 4 25.99 -35.40 11.35
N THR B 5 25.93 -36.56 11.98
CA THR B 5 25.21 -37.72 11.44
C THR B 5 23.76 -37.74 11.91
N ARG B 6 22.97 -38.68 11.39
CA ARG B 6 21.60 -38.85 11.83
C ARG B 6 21.53 -39.10 13.34
N ALA B 7 22.39 -39.99 13.82
CA ALA B 7 22.44 -40.32 15.25
C ALA B 7 22.77 -39.08 16.08
N ASP B 8 23.70 -38.26 15.59
CA ASP B 8 24.04 -37.00 16.24
C ASP B 8 22.83 -36.08 16.35
N TRP B 9 22.09 -35.93 15.26
CA TRP B 9 20.92 -35.05 15.25
C TRP B 9 19.79 -35.60 16.15
N GLU B 10 19.66 -36.92 16.19
CA GLU B 10 18.69 -37.54 17.09
C GLU B 10 19.07 -37.34 18.56
N GLN B 11 20.35 -37.45 18.88
CA GLN B 11 20.81 -37.17 20.24
C GLN B 11 20.51 -35.71 20.59
N ARG B 12 20.84 -34.82 19.68
CA ARG B 12 20.62 -33.40 19.92
C ARG B 12 19.13 -33.08 20.08
N ALA B 13 18.29 -33.73 19.28
CA ALA B 13 16.84 -33.53 19.38
C ALA B 13 16.34 -33.88 20.77
N GLN B 14 16.82 -35.01 21.28
CA GLN B 14 16.43 -35.46 22.61
C GLN B 14 16.92 -34.51 23.70
N ASN B 15 18.08 -33.88 23.49
CA ASN B 15 18.72 -33.09 24.53
C ASN B 15 18.35 -31.60 24.54
N LEU B 16 17.49 -31.18 23.61
CA LEU B 16 16.98 -29.81 23.62
C LEU B 16 16.10 -29.53 24.84
N LYS B 17 16.28 -28.36 25.44
CA LYS B 17 15.26 -27.81 26.31
C LYS B 17 14.60 -26.70 25.49
N ILE B 18 13.29 -26.79 25.32
CA ILE B 18 12.60 -25.93 24.36
C ILE B 18 11.72 -24.91 25.05
N GLU B 19 11.96 -23.64 24.75
CA GLU B 19 11.17 -22.55 25.32
C GLU B 19 9.84 -22.41 24.58
N GLY B 20 8.74 -22.30 25.34
CA GLY B 20 7.43 -22.18 24.74
C GLY B 20 6.65 -20.93 25.09
N ARG B 21 7.25 -20.06 25.92
CA ARG B 21 6.56 -18.86 26.37
C ARG B 21 6.55 -17.75 25.33
N ALA B 22 5.61 -16.81 25.50
CA ALA B 22 5.59 -15.57 24.75
C ALA B 22 6.73 -14.70 25.24
N PHE B 23 7.04 -13.62 24.52
CA PHE B 23 8.11 -12.71 24.93
C PHE B 23 7.63 -11.27 24.86
N ILE B 24 7.59 -10.59 26.00
CA ILE B 24 7.11 -9.21 26.03
C ILE B 24 7.98 -8.36 26.93
N GLN B 25 8.41 -7.20 26.43
CA GLN B 25 9.16 -6.23 27.23
C GLN B 25 10.41 -6.88 27.85
N GLY B 26 11.15 -7.60 27.02
CA GLY B 26 12.44 -8.15 27.44
C GLY B 26 12.38 -9.42 28.28
N GLU B 27 11.19 -9.97 28.48
CA GLU B 27 11.05 -11.17 29.30
C GLU B 27 10.10 -12.20 28.70
N TYR B 28 10.47 -13.47 28.81
CA TYR B 28 9.54 -14.55 28.50
C TYR B 28 8.41 -14.53 29.51
N THR B 29 7.23 -14.88 29.05
CA THR B 29 6.04 -14.73 29.87
C THR B 29 4.94 -15.68 29.42
N ALA B 30 4.13 -16.14 30.37
CA ALA B 30 2.93 -16.89 30.04
C ALA B 30 1.92 -15.96 29.38
N ALA B 31 0.95 -16.54 28.68
CA ALA B 31 -0.19 -15.76 28.21
C ALA B 31 -1.00 -15.35 29.43
N ALA B 32 -1.71 -14.22 29.33
CA ALA B 32 -2.47 -13.70 30.46
C ALA B 32 -3.44 -14.74 31.01
N SER B 33 -4.02 -15.53 30.13
CA SER B 33 -4.98 -16.58 30.51
C SER B 33 -4.32 -17.80 31.14
N GLY B 34 -3.02 -17.96 30.93
CA GLY B 34 -2.30 -19.14 31.39
C GLY B 34 -2.43 -20.32 30.43
N GLU B 35 -3.20 -20.12 29.35
CA GLU B 35 -3.46 -21.20 28.41
C GLU B 35 -2.27 -21.52 27.52
N THR B 36 -2.14 -22.78 27.15
CA THR B 36 -1.13 -23.22 26.20
C THR B 36 -1.74 -24.09 25.13
N PHE B 37 -0.98 -24.34 24.06
CA PHE B 37 -1.35 -25.34 23.09
C PHE B 37 -0.17 -26.28 22.87
N ASP B 38 -0.46 -27.53 22.52
CA ASP B 38 0.58 -28.52 22.33
C ASP B 38 1.29 -28.30 21.00
N CYS B 39 2.61 -28.20 21.07
CA CYS B 39 3.44 -28.12 19.87
C CYS B 39 3.98 -29.52 19.57
N ILE B 40 3.41 -30.15 18.54
CA ILE B 40 3.70 -31.54 18.19
C ILE B 40 4.54 -31.63 16.93
N SER B 41 5.57 -32.47 16.96
CA SER B 41 6.46 -32.65 15.82
C SER B 41 5.88 -33.57 14.75
N PRO B 42 5.90 -33.14 13.48
CA PRO B 42 5.44 -34.00 12.39
C PRO B 42 6.45 -35.08 11.98
N VAL B 43 7.64 -35.10 12.57
CA VAL B 43 8.62 -36.13 12.21
C VAL B 43 8.18 -37.49 12.75
N ASP B 44 7.52 -37.50 13.90
CA ASP B 44 7.03 -38.76 14.48
C ASP B 44 5.88 -38.56 15.47
N GLY B 45 5.73 -37.34 15.98
CA GLY B 45 4.59 -37.03 16.83
C GLY B 45 4.90 -36.69 18.28
N ARG B 46 6.16 -36.48 18.61
CA ARG B 46 6.54 -36.18 19.99
C ARG B 46 6.07 -34.79 20.42
N LEU B 47 5.91 -34.61 21.72
CA LEU B 47 5.56 -33.30 22.28
C LEU B 47 6.81 -32.46 22.48
N LEU B 48 6.90 -31.34 21.76
CA LEU B 48 8.08 -30.51 21.79
C LEU B 48 8.00 -29.55 22.98
N ALA B 49 6.83 -28.97 23.18
CA ALA B 49 6.62 -27.99 24.23
C ALA B 49 5.15 -27.63 24.34
N LYS B 50 4.77 -27.10 25.50
CA LYS B 50 3.46 -26.48 25.66
C LYS B 50 3.65 -24.98 25.46
N VAL B 51 3.12 -24.46 24.36
CA VAL B 51 3.38 -23.09 23.94
C VAL B 51 2.27 -22.15 24.37
N ALA B 52 2.65 -20.98 24.88
CA ALA B 52 1.68 -19.97 25.32
C ALA B 52 0.68 -19.68 24.21
N SER B 53 -0.60 -19.70 24.56
CA SER B 53 -1.66 -19.43 23.59
C SER B 53 -2.20 -18.03 23.82
N CYS B 54 -1.59 -17.06 23.14
CA CYS B 54 -1.93 -15.66 23.38
C CYS B 54 -3.28 -15.27 22.77
N ASP B 55 -3.85 -14.19 23.31
CA ASP B 55 -5.12 -13.67 22.85
C ASP B 55 -5.06 -12.14 22.90
N ALA B 56 -6.21 -11.50 22.84
CA ALA B 56 -6.28 -10.04 22.70
C ALA B 56 -5.61 -9.28 23.84
N ALA B 57 -5.68 -9.82 25.05
CA ALA B 57 -5.06 -9.20 26.21
C ALA B 57 -3.54 -9.11 26.04
N ASP B 58 -2.96 -10.15 25.45
CA ASP B 58 -1.53 -10.20 25.23
C ASP B 58 -1.11 -9.28 24.09
N ALA B 59 -1.95 -9.23 23.06
CA ALA B 59 -1.76 -8.29 21.97
C ALA B 59 -1.71 -6.87 22.54
N GLN B 60 -2.65 -6.55 23.43
CA GLN B 60 -2.69 -5.23 24.06
C GLN B 60 -1.43 -4.93 24.85
N ARG B 61 -0.96 -5.88 25.67
CA ARG B 61 0.22 -5.62 26.46
C ARG B 61 1.46 -5.47 25.58
N ALA B 62 1.55 -6.30 24.54
CA ALA B 62 2.69 -6.25 23.62
C ALA B 62 2.72 -4.95 22.82
N VAL B 63 1.54 -4.48 22.42
CA VAL B 63 1.45 -3.24 21.66
C VAL B 63 1.79 -2.04 22.55
N GLU B 64 1.37 -2.09 23.80
CA GLU B 64 1.72 -1.03 24.75
C GLU B 64 3.23 -0.99 24.99
N SER B 65 3.83 -2.16 25.11
CA SER B 65 5.28 -2.27 25.25
C SER B 65 5.99 -1.73 24.00
N ALA B 66 5.52 -2.13 22.82
CA ALA B 66 6.07 -1.67 21.55
C ALA B 66 6.01 -0.15 21.40
N ARG B 67 4.84 0.41 21.74
CA ARG B 67 4.61 1.85 21.62
C ARG B 67 5.54 2.64 22.56
N SER B 68 5.59 2.23 23.82
CA SER B 68 6.48 2.86 24.80
C SER B 68 7.93 2.80 24.36
N ALA B 69 8.34 1.65 23.83
CA ALA B 69 9.70 1.50 23.37
C ALA B 69 9.95 2.44 22.21
N PHE B 70 9.03 2.46 21.24
CA PHE B 70 9.17 3.36 20.09
C PHE B 70 9.29 4.83 20.55
N ASP B 71 8.40 5.25 21.44
CA ASP B 71 8.39 6.64 21.90
C ASP B 71 9.65 7.04 22.68
N SER B 72 10.29 6.06 23.33
CA SER B 72 11.50 6.34 24.12
C SER B 72 12.71 6.68 23.26
N GLY B 73 12.69 6.24 22.01
CA GLY B 73 13.79 6.51 21.10
C GLY B 73 15.01 5.61 21.29
N ALA B 74 14.94 4.67 22.23
CA ALA B 74 16.09 3.80 22.51
C ALA B 74 16.60 3.10 21.24
N TRP B 75 15.66 2.74 20.38
CA TRP B 75 15.99 2.09 19.12
C TRP B 75 15.61 3.01 17.95
N SER B 76 14.44 3.62 18.04
CA SER B 76 13.92 4.42 16.94
C SER B 76 14.75 5.67 16.65
N ARG B 77 15.45 6.19 17.66
CA ARG B 77 16.30 7.37 17.44
C ARG B 77 17.78 7.05 17.65
N LEU B 78 18.09 5.76 17.72
CA LEU B 78 19.48 5.32 17.79
C LEU B 78 20.19 5.59 16.46
N ALA B 79 21.44 6.02 16.51
CA ALA B 79 22.17 6.38 15.30
C ALA B 79 22.16 5.24 14.29
N PRO B 80 21.98 5.57 12.99
CA PRO B 80 21.91 4.58 11.92
C PRO B 80 23.06 3.57 11.97
N ALA B 81 24.29 4.05 12.19
CA ALA B 81 25.45 3.18 12.19
C ALA B 81 25.41 2.19 13.36
N LYS B 82 24.80 2.61 14.46
CA LYS B 82 24.65 1.76 15.63
C LYS B 82 23.55 0.73 15.44
N ARG B 83 22.46 1.12 14.77
CA ARG B 83 21.42 0.15 14.43
C ARG B 83 21.98 -0.90 13.48
N LYS B 84 22.77 -0.46 12.52
CA LYS B 84 23.46 -1.37 11.61
C LYS B 84 24.29 -2.41 12.36
N ALA B 85 25.12 -1.96 13.30
CA ALA B 85 25.98 -2.87 14.06
C ALA B 85 25.15 -3.87 14.87
N THR B 86 24.06 -3.40 15.47
CA THR B 86 23.19 -4.29 16.24
C THR B 86 22.54 -5.35 15.35
N MET B 87 22.00 -4.93 14.21
CA MET B 87 21.36 -5.87 13.29
C MET B 87 22.34 -6.92 12.79
N ILE B 88 23.59 -6.50 12.57
CA ILE B 88 24.63 -7.44 12.13
C ILE B 88 24.99 -8.41 13.27
N ARG B 89 25.02 -7.93 14.51
CA ARG B 89 25.26 -8.82 15.65
C ARG B 89 24.10 -9.80 15.82
N PHE B 90 22.88 -9.32 15.59
CA PHE B 90 21.67 -10.15 15.63
C PHE B 90 21.82 -11.30 14.63
N ALA B 91 22.15 -10.98 13.38
CA ALA B 91 22.39 -11.99 12.36
C ALA B 91 23.48 -12.98 12.79
N GLY B 92 24.54 -12.44 13.39
CA GLY B 92 25.66 -13.25 13.85
C GLY B 92 25.27 -14.25 14.94
N LEU B 93 24.31 -13.87 15.78
CA LEU B 93 23.84 -14.79 16.82
C LEU B 93 22.97 -15.90 16.24
N LEU B 94 22.22 -15.61 15.18
CA LEU B 94 21.50 -16.67 14.48
C LEU B 94 22.49 -17.72 13.97
N GLU B 95 23.58 -17.26 13.38
CA GLU B 95 24.60 -18.16 12.83
C GLU B 95 25.34 -18.93 13.91
N GLN B 96 25.68 -18.25 15.00
CA GLN B 96 26.32 -18.87 16.15
C GLN B 96 25.46 -19.99 16.72
N ASN B 97 24.14 -19.80 16.67
CA ASN B 97 23.18 -20.78 17.20
C ASN B 97 22.45 -21.55 16.10
N ALA B 98 23.09 -21.67 14.93
CA ALA B 98 22.47 -22.25 13.75
C ALA B 98 22.01 -23.70 13.97
N GLU B 99 22.81 -24.50 14.66
CA GLU B 99 22.48 -25.90 14.82
C GLU B 99 21.22 -26.09 15.65
N GLU B 100 21.09 -25.32 16.72
CA GLU B 100 19.90 -25.36 17.56
C GLU B 100 18.66 -24.85 16.81
N LEU B 101 18.79 -23.71 16.14
CA LEU B 101 17.68 -23.12 15.41
C LEU B 101 17.22 -24.02 14.27
N ALA B 102 18.16 -24.64 13.56
CA ALA B 102 17.79 -25.53 12.45
C ALA B 102 17.05 -26.76 12.96
N LEU B 103 17.50 -27.29 14.10
CA LEU B 103 16.88 -28.43 14.73
C LEU B 103 15.45 -28.10 15.17
N LEU B 104 15.29 -26.92 15.78
CA LEU B 104 13.95 -26.48 16.19
C LEU B 104 13.02 -26.40 14.99
N GLU B 105 13.52 -25.84 13.90
CA GLU B 105 12.74 -25.70 12.66
C GLU B 105 12.31 -27.07 12.11
N THR B 106 13.28 -27.99 12.01
CA THR B 106 13.03 -29.32 11.50
C THR B 106 12.02 -30.09 12.36
N LEU B 107 12.19 -30.01 13.67
CA LEU B 107 11.26 -30.69 14.59
C LEU B 107 9.89 -30.05 14.54
N ASP B 108 9.87 -28.72 14.47
CA ASP B 108 8.63 -27.96 14.52
C ASP B 108 7.69 -28.24 13.34
N MET B 109 8.23 -28.25 12.12
CA MET B 109 7.35 -28.36 10.95
C MET B 109 7.82 -29.35 9.87
N GLY B 110 8.87 -30.11 10.15
CA GLY B 110 9.18 -31.30 9.36
C GLY B 110 10.12 -31.23 8.17
N LYS B 111 10.65 -30.07 7.85
CA LYS B 111 11.60 -29.98 6.73
C LYS B 111 12.92 -30.67 7.09
N PRO B 112 13.64 -31.17 6.07
CA PRO B 112 14.90 -31.89 6.28
C PRO B 112 15.93 -31.05 7.01
N ILE B 113 16.70 -31.67 7.91
CA ILE B 113 17.67 -30.93 8.71
C ILE B 113 18.73 -30.25 7.83
N SER B 114 19.08 -30.87 6.70
CA SER B 114 20.09 -30.27 5.83
C SER B 114 19.57 -29.00 5.17
N ASP B 115 18.26 -28.94 4.94
CA ASP B 115 17.65 -27.72 4.41
C ASP B 115 17.56 -26.62 5.47
N SER B 116 17.15 -26.99 6.68
CA SER B 116 17.08 -26.01 7.78
C SER B 116 18.45 -25.39 8.02
N LEU B 117 19.48 -26.21 8.00
CA LEU B 117 20.83 -25.76 8.29
C LEU B 117 21.45 -25.01 7.10
N GLY B 118 21.17 -25.47 5.89
CA GLY B 118 21.81 -24.93 4.70
C GLY B 118 21.05 -23.81 3.99
N VAL B 119 19.74 -23.75 4.21
CA VAL B 119 18.93 -22.75 3.53
C VAL B 119 18.26 -21.77 4.48
N ASP B 120 17.47 -22.29 5.43
CA ASP B 120 16.64 -21.44 6.28
C ASP B 120 17.41 -20.51 7.22
N ILE B 121 18.33 -21.07 8.00
CA ILE B 121 19.06 -20.26 8.98
C ILE B 121 20.00 -19.27 8.29
N PRO B 122 20.78 -19.72 7.27
CA PRO B 122 21.58 -18.72 6.56
C PRO B 122 20.74 -17.67 5.85
N GLY B 123 19.60 -18.07 5.28
CA GLY B 123 18.73 -17.13 4.61
C GLY B 123 18.16 -16.08 5.56
N GLY B 124 17.75 -16.54 6.74
CA GLY B 124 17.26 -15.64 7.76
C GLY B 124 18.32 -14.67 8.25
N ALA B 125 19.48 -15.20 8.60
CA ALA B 125 20.59 -14.39 9.06
C ALA B 125 20.95 -13.33 8.01
N ARG B 126 20.96 -13.75 6.75
CA ARG B 126 21.31 -12.88 5.64
C ARG B 126 20.30 -11.73 5.49
N ALA B 127 19.02 -12.02 5.71
CA ALA B 127 18.01 -10.97 5.64
C ALA B 127 18.25 -9.90 6.70
N LEU B 128 18.63 -10.34 7.90
CA LEU B 128 18.93 -9.41 8.99
C LEU B 128 20.21 -8.60 8.73
N SER B 129 21.28 -9.28 8.33
CA SER B 129 22.56 -8.59 8.15
C SER B 129 22.56 -7.68 6.93
N TRP B 130 21.98 -8.14 5.82
CA TRP B 130 21.93 -7.33 4.60
C TRP B 130 21.11 -6.06 4.84
N SER B 131 19.95 -6.22 5.48
CA SER B 131 19.12 -5.08 5.84
C SER B 131 19.87 -4.10 6.74
N GLY B 132 20.54 -4.62 7.76
CA GLY B 132 21.36 -3.80 8.65
C GLY B 132 22.44 -3.02 7.91
N GLU B 133 23.16 -3.72 7.01
CA GLU B 133 24.22 -3.10 6.23
C GLU B 133 23.70 -1.93 5.40
N ALA B 134 22.43 -2.01 5.02
CA ALA B 134 21.85 -1.06 4.08
C ALA B 134 21.45 0.27 4.72
N ILE B 135 21.24 0.24 6.03
CA ILE B 135 20.64 1.37 6.76
C ILE B 135 21.29 2.71 6.43
N ASP B 136 22.61 2.79 6.55
CA ASP B 136 23.25 4.07 6.30
C ASP B 136 23.77 4.19 4.87
N LYS B 137 23.27 3.33 3.97
CA LYS B 137 23.56 3.50 2.53
C LYS B 137 22.37 4.15 1.84
N LEU B 138 21.29 4.31 2.58
CA LEU B 138 20.06 4.91 2.05
C LEU B 138 20.08 6.43 2.21
N TYR B 139 19.66 7.13 1.17
CA TYR B 139 19.55 8.59 1.22
C TYR B 139 18.12 8.99 0.92
N ASP B 140 17.63 9.99 1.63
CA ASP B 140 16.34 10.60 1.33
C ASP B 140 16.57 11.74 0.31
N GLU B 141 15.59 12.63 0.13
CA GLU B 141 15.64 13.54 -1.01
C GLU B 141 15.54 15.02 -0.69
N VAL B 142 16.15 15.83 -1.55
CA VAL B 142 16.00 17.29 -1.52
C VAL B 142 15.45 17.75 -2.87
N ALA B 143 14.30 18.42 -2.84
CA ALA B 143 13.63 18.81 -4.09
C ALA B 143 14.27 20.02 -4.75
N ALA B 144 14.06 20.14 -6.06
CA ALA B 144 14.46 21.35 -6.79
C ALA B 144 13.39 22.42 -6.56
N THR B 145 13.76 23.46 -5.80
CA THR B 145 12.80 24.48 -5.36
C THR B 145 13.34 25.87 -5.67
N PRO B 146 12.48 26.90 -5.56
CA PRO B 146 13.00 28.26 -5.67
C PRO B 146 14.04 28.57 -4.60
N HIS B 147 14.76 29.67 -4.78
CA HIS B 147 15.89 30.01 -3.92
C HIS B 147 15.51 30.26 -2.46
N ASP B 148 14.26 30.63 -2.20
CA ASP B 148 13.83 30.94 -0.85
C ASP B 148 13.10 29.76 -0.19
N GLN B 149 13.28 28.58 -0.75
CA GLN B 149 12.66 27.37 -0.23
C GLN B 149 13.68 26.27 -0.08
N LEU B 150 13.57 25.52 1.01
CA LEU B 150 14.28 24.25 1.13
C LEU B 150 13.26 23.13 1.26
N GLY B 151 13.23 22.23 0.28
CA GLY B 151 12.25 21.17 0.27
C GLY B 151 12.84 19.81 0.56
N LEU B 152 12.58 19.30 1.76
CA LEU B 152 13.09 17.99 2.18
C LEU B 152 12.01 16.93 2.05
N VAL B 153 12.39 15.78 1.50
CA VAL B 153 11.49 14.63 1.40
C VAL B 153 12.18 13.46 2.10
N THR B 154 11.69 13.12 3.28
CA THR B 154 12.37 12.14 4.12
C THR B 154 11.47 11.01 4.52
N ARG B 155 12.07 9.94 5.04
CA ARG B 155 11.31 8.80 5.50
C ARG B 155 11.51 8.59 6.99
N GLU B 156 10.44 8.20 7.67
CA GLU B 156 10.45 8.00 9.12
C GLU B 156 9.74 6.69 9.41
N PRO B 157 10.16 5.98 10.47
CA PRO B 157 9.50 4.71 10.85
C PRO B 157 8.02 4.92 11.17
N VAL B 158 7.18 3.97 10.79
CA VAL B 158 5.75 4.13 11.02
C VAL B 158 5.41 4.05 12.51
N GLY B 159 6.20 3.30 13.28
CA GLY B 159 5.97 3.18 14.71
C GLY B 159 5.88 1.74 15.19
N VAL B 160 4.65 1.22 15.25
CA VAL B 160 4.45 -0.15 15.73
C VAL B 160 4.00 -1.04 14.58
N VAL B 161 4.75 -2.10 14.37
CA VAL B 161 4.51 -3.00 13.26
C VAL B 161 4.12 -4.38 13.78
N ALA B 162 3.01 -4.91 13.28
CA ALA B 162 2.67 -6.30 13.55
C ALA B 162 3.08 -7.15 12.37
N ALA B 163 3.80 -8.24 12.63
CA ALA B 163 4.22 -9.13 11.55
C ALA B 163 3.62 -10.52 11.79
N ILE B 164 2.81 -10.97 10.84
CA ILE B 164 2.14 -12.25 10.94
C ILE B 164 2.69 -13.17 9.85
N VAL B 165 3.24 -14.32 10.24
CA VAL B 165 4.00 -15.16 9.30
C VAL B 165 3.55 -16.64 9.30
N PRO B 166 3.92 -17.39 8.24
CA PRO B 166 3.42 -18.77 8.09
C PRO B 166 4.42 -19.82 8.58
N TRP B 167 4.13 -21.08 8.30
CA TRP B 167 4.91 -22.18 8.86
C TRP B 167 5.92 -22.84 7.91
N ASN B 168 5.92 -22.46 6.62
CA ASN B 168 6.71 -23.23 5.66
C ASN B 168 8.20 -22.85 5.66
N PHE B 169 8.48 -21.58 5.93
CA PHE B 169 9.84 -21.11 6.22
C PHE B 169 9.75 -20.19 7.44
N PRO B 170 9.58 -20.77 8.63
CA PRO B 170 9.23 -19.99 9.83
C PRO B 170 10.24 -18.89 10.16
N LEU B 171 11.50 -19.27 10.29
CA LEU B 171 12.52 -18.31 10.68
C LEU B 171 12.85 -17.36 9.53
N MET B 172 13.02 -17.91 8.33
CA MET B 172 13.41 -17.08 7.21
C MET B 172 12.35 -16.01 6.90
N MET B 173 11.07 -16.38 6.99
CA MET B 173 10.01 -15.41 6.70
C MET B 173 9.93 -14.34 7.77
N ALA B 174 10.11 -14.75 9.03
CA ALA B 174 10.14 -13.79 10.12
C ALA B 174 11.25 -12.76 9.89
N CYS B 175 12.42 -13.24 9.47
CA CYS B 175 13.57 -12.37 9.22
C CYS B 175 13.37 -11.46 8.00
N TRP B 176 12.63 -11.92 7.02
CA TRP B 176 12.30 -11.08 5.86
C TRP B 176 11.52 -9.85 6.31
N LYS B 177 10.69 -10.02 7.34
CA LYS B 177 9.97 -8.89 7.90
C LYS B 177 10.86 -8.12 8.89
N LEU B 178 11.51 -8.83 9.81
CA LEU B 178 12.29 -8.19 10.89
C LEU B 178 13.48 -7.37 10.41
N GLY B 179 14.17 -7.85 9.39
CA GLY B 179 15.34 -7.15 8.87
C GLY B 179 15.03 -5.69 8.56
N PRO B 180 14.13 -5.43 7.59
CA PRO B 180 13.79 -4.05 7.26
C PRO B 180 12.93 -3.34 8.31
N ALA B 181 12.03 -4.05 8.99
CA ALA B 181 11.18 -3.37 9.97
C ALA B 181 12.02 -2.84 11.14
N LEU B 182 12.93 -3.66 11.64
CA LEU B 182 13.77 -3.23 12.76
C LEU B 182 14.84 -2.25 12.29
N SER B 183 15.41 -2.47 11.11
CA SER B 183 16.46 -1.59 10.60
C SER B 183 15.99 -0.13 10.46
N THR B 184 14.71 0.05 10.12
CA THR B 184 14.14 1.37 9.94
C THR B 184 13.78 2.04 11.27
N GLY B 185 13.84 1.28 12.36
CA GLY B 185 13.66 1.83 13.69
C GLY B 185 12.35 1.52 14.39
N ASN B 186 11.52 0.70 13.76
CA ASN B 186 10.22 0.35 14.33
C ASN B 186 10.28 -0.62 15.50
N SER B 187 9.23 -0.61 16.32
CA SER B 187 8.98 -1.73 17.23
C SER B 187 8.12 -2.75 16.50
N VAL B 188 8.40 -4.03 16.74
CA VAL B 188 7.71 -5.10 16.03
C VAL B 188 7.07 -6.08 17.00
N VAL B 189 5.81 -6.43 16.73
CA VAL B 189 5.17 -7.54 17.43
C VAL B 189 5.02 -8.68 16.44
N LEU B 190 5.77 -9.76 16.68
CA LEU B 190 5.81 -10.90 15.77
C LEU B 190 4.84 -12.00 16.21
N LYS B 191 3.98 -12.43 15.29
CA LYS B 191 3.07 -13.54 15.56
C LYS B 191 3.35 -14.69 14.62
N PRO B 192 4.14 -15.67 15.08
CA PRO B 192 4.48 -16.85 14.28
C PRO B 192 3.28 -17.75 14.10
N SER B 193 3.32 -18.61 13.09
CA SER B 193 2.25 -19.58 12.89
C SER B 193 2.12 -20.49 14.10
N GLU B 194 0.89 -20.86 14.42
CA GLU B 194 0.66 -21.80 15.51
C GLU B 194 1.22 -23.19 15.13
N LYS B 195 1.52 -23.40 13.85
CA LYS B 195 2.11 -24.65 13.39
C LYS B 195 3.64 -24.63 13.50
N SER B 196 4.21 -23.46 13.77
CA SER B 196 5.67 -23.36 13.87
C SER B 196 6.14 -22.19 14.72
N PRO B 197 5.84 -22.21 16.04
CA PRO B 197 6.17 -21.08 16.91
C PRO B 197 7.61 -21.04 17.45
N LEU B 198 8.34 -22.14 17.37
CA LEU B 198 9.53 -22.30 18.20
C LEU B 198 10.73 -21.40 17.84
N THR B 199 11.06 -21.22 16.57
CA THR B 199 12.23 -20.40 16.26
C THR B 199 11.99 -18.93 16.57
N ALA B 200 10.77 -18.45 16.32
CA ALA B 200 10.45 -17.07 16.65
C ALA B 200 10.56 -16.83 18.15
N ILE B 201 10.03 -17.75 18.94
CA ILE B 201 10.16 -17.67 20.39
C ILE B 201 11.64 -17.62 20.78
N ARG B 202 12.44 -18.47 20.16
CA ARG B 202 13.85 -18.57 20.53
C ARG B 202 14.64 -17.30 20.20
N ILE B 203 14.41 -16.72 19.03
CA ILE B 203 15.26 -15.60 18.60
C ILE B 203 14.93 -14.31 19.34
N ALA B 204 13.81 -14.30 20.06
CA ALA B 204 13.44 -13.14 20.87
C ALA B 204 14.55 -12.83 21.87
N GLN B 205 15.12 -13.88 22.45
CA GLN B 205 16.21 -13.76 23.41
C GLN B 205 17.50 -13.34 22.71
N LEU B 206 17.74 -13.88 21.51
CA LEU B 206 18.94 -13.51 20.77
C LEU B 206 18.94 -12.04 20.40
N ALA B 207 17.76 -11.49 20.11
CA ALA B 207 17.65 -10.06 19.79
C ALA B 207 18.12 -9.21 20.98
N ILE B 208 17.66 -9.56 22.17
CA ILE B 208 18.10 -8.88 23.38
C ILE B 208 19.63 -8.95 23.52
N GLU B 209 20.18 -10.15 23.34
CA GLU B 209 21.63 -10.34 23.45
C GLU B 209 22.39 -9.47 22.45
N ALA B 210 21.82 -9.28 21.26
CA ALA B 210 22.48 -8.49 20.22
C ALA B 210 22.45 -7.00 20.54
N GLY B 211 21.53 -6.60 21.40
CA GLY B 211 21.42 -5.20 21.79
C GLY B 211 20.12 -4.53 21.38
N ILE B 212 19.17 -5.29 20.86
CA ILE B 212 17.82 -4.76 20.62
C ILE B 212 17.21 -4.45 21.99
N PRO B 213 16.78 -3.19 22.19
CA PRO B 213 16.21 -2.84 23.50
C PRO B 213 14.92 -3.58 23.81
N ALA B 214 14.63 -3.74 25.10
CA ALA B 214 13.38 -4.35 25.54
C ALA B 214 12.16 -3.62 24.99
N GLY B 215 11.15 -4.37 24.57
CA GLY B 215 9.93 -3.80 24.02
C GLY B 215 9.96 -3.63 22.51
N VAL B 216 11.15 -3.64 21.92
CA VAL B 216 11.28 -3.36 20.49
C VAL B 216 10.91 -4.58 19.65
N LEU B 217 11.23 -5.79 20.16
CA LEU B 217 10.76 -7.01 19.51
C LEU B 217 10.03 -7.90 20.50
N ASN B 218 8.71 -7.93 20.38
CA ASN B 218 7.87 -8.82 21.17
C ASN B 218 7.36 -9.95 20.30
N VAL B 219 7.19 -11.13 20.89
CA VAL B 219 6.75 -12.31 20.14
C VAL B 219 5.55 -12.97 20.81
N LEU B 220 4.45 -13.08 20.07
CA LEU B 220 3.22 -13.64 20.58
C LEU B 220 2.78 -14.91 19.86
N PRO B 221 3.17 -16.08 20.39
CA PRO B 221 2.70 -17.33 19.77
C PRO B 221 1.21 -17.50 20.05
N GLY B 222 0.52 -18.25 19.22
CA GLY B 222 -0.93 -18.40 19.37
C GLY B 222 -1.65 -18.53 18.04
N TYR B 223 -2.97 -18.68 18.11
CA TYR B 223 -3.75 -18.93 16.91
C TYR B 223 -3.99 -17.66 16.09
N GLY B 224 -4.21 -17.85 14.79
CA GLY B 224 -4.52 -16.74 13.91
C GLY B 224 -5.78 -16.01 14.33
N HIS B 225 -6.84 -16.77 14.60
CA HIS B 225 -8.14 -16.18 14.86
C HIS B 225 -8.25 -15.52 16.25
N THR B 226 -7.27 -15.73 17.10
CA THR B 226 -7.27 -15.06 18.41
C THR B 226 -6.27 -13.89 18.41
N VAL B 227 -5.00 -14.17 18.70
CA VAL B 227 -4.01 -13.09 18.82
C VAL B 227 -3.66 -12.45 17.46
N GLY B 228 -3.66 -13.23 16.37
CA GLY B 228 -3.39 -12.64 15.07
C GLY B 228 -4.43 -11.59 14.70
N LYS B 229 -5.69 -11.98 14.83
CA LYS B 229 -6.81 -11.09 14.58
C LYS B 229 -6.76 -9.85 15.49
N ALA B 230 -6.41 -10.06 16.76
CA ALA B 230 -6.33 -8.95 17.70
C ALA B 230 -5.30 -7.89 17.26
N LEU B 231 -4.17 -8.35 16.74
CA LEU B 231 -3.14 -7.43 16.26
C LEU B 231 -3.64 -6.68 15.04
N ALA B 232 -4.34 -7.39 14.15
CA ALA B 232 -4.79 -6.79 12.90
C ALA B 232 -5.90 -5.77 13.14
N LEU B 233 -6.65 -5.95 14.24
CA LEU B 233 -7.71 -5.02 14.60
C LEU B 233 -7.27 -3.95 15.59
N HIS B 234 -6.00 -3.98 16.00
CA HIS B 234 -5.59 -3.10 17.09
C HIS B 234 -5.50 -1.65 16.63
N MET B 235 -6.05 -0.76 17.44
CA MET B 235 -6.16 0.64 17.08
C MET B 235 -4.84 1.41 17.22
N ASP B 236 -3.82 0.79 17.80
CA ASP B 236 -2.53 1.47 17.93
C ASP B 236 -1.41 0.74 17.21
N VAL B 237 -1.77 -0.17 16.30
CA VAL B 237 -0.79 -0.77 15.40
C VAL B 237 -0.80 0.00 14.08
N ASP B 238 0.36 0.49 13.66
CA ASP B 238 0.42 1.37 12.50
C ASP B 238 0.42 0.62 11.19
N THR B 239 0.98 -0.58 11.20
CA THR B 239 1.20 -1.33 9.98
C THR B 239 1.15 -2.81 10.29
N VAL B 240 0.49 -3.58 9.44
CA VAL B 240 0.61 -5.03 9.54
C VAL B 240 1.21 -5.56 8.24
N VAL B 241 2.21 -6.43 8.40
CA VAL B 241 2.79 -7.12 7.27
C VAL B 241 2.49 -8.61 7.46
N PHE B 242 2.20 -9.28 6.35
CA PHE B 242 1.62 -10.60 6.40
C PHE B 242 2.20 -11.49 5.32
N THR B 243 2.42 -12.74 5.68
CA THR B 243 2.75 -13.77 4.70
C THR B 243 1.90 -15.00 5.03
N GLY B 244 1.14 -15.48 4.05
CA GLY B 244 0.24 -16.59 4.29
C GLY B 244 -0.72 -16.74 3.14
N SER B 245 -1.91 -17.27 3.43
CA SER B 245 -2.89 -17.56 2.39
C SER B 245 -3.59 -16.30 1.87
N THR B 246 -4.05 -16.37 0.63
CA THR B 246 -4.79 -15.27 0.02
C THR B 246 -6.08 -15.02 0.78
N LYS B 247 -6.69 -16.09 1.27
CA LYS B 247 -7.93 -15.98 2.04
C LYS B 247 -7.77 -15.10 3.28
N ILE B 248 -6.71 -15.37 4.05
CA ILE B 248 -6.47 -14.61 5.29
C ILE B 248 -5.95 -13.22 4.96
N ALA B 249 -5.13 -13.12 3.91
CA ALA B 249 -4.62 -11.83 3.46
C ALA B 249 -5.76 -10.84 3.23
N LYS B 250 -6.80 -11.29 2.52
CA LYS B 250 -7.98 -10.47 2.27
C LYS B 250 -8.67 -10.06 3.56
N GLN B 251 -8.74 -11.00 4.50
CA GLN B 251 -9.37 -10.72 5.79
C GLN B 251 -8.66 -9.60 6.53
N LEU B 252 -7.34 -9.52 6.37
CA LEU B 252 -6.57 -8.46 7.01
C LEU B 252 -6.92 -7.09 6.46
N MET B 253 -7.26 -7.00 5.17
CA MET B 253 -7.66 -5.72 4.60
C MET B 253 -8.97 -5.28 5.25
N ILE B 254 -9.85 -6.25 5.48
CA ILE B 254 -11.12 -5.99 6.13
C ILE B 254 -10.88 -5.53 7.58
N TYR B 255 -9.98 -6.22 8.29
CA TYR B 255 -9.66 -5.82 9.67
C TYR B 255 -9.15 -4.38 9.74
N ALA B 256 -8.28 -4.01 8.81
CA ALA B 256 -7.73 -2.66 8.81
C ALA B 256 -8.82 -1.62 8.59
N GLY B 257 -9.73 -1.90 7.66
CA GLY B 257 -10.85 -1.02 7.39
C GLY B 257 -11.83 -0.93 8.56
N GLU B 258 -11.97 -2.02 9.29
CA GLU B 258 -12.86 -2.04 10.46
C GLU B 258 -12.28 -1.32 11.66
N SER B 259 -10.96 -1.12 11.66
CA SER B 259 -10.30 -0.55 12.82
C SER B 259 -9.72 0.84 12.56
N ASN B 260 -8.41 0.93 12.30
CA ASN B 260 -7.75 2.24 12.26
C ASN B 260 -7.08 2.59 10.93
N MET B 261 -7.49 1.93 9.85
CA MET B 261 -6.91 2.17 8.54
C MET B 261 -5.40 1.95 8.52
N LYS B 262 -4.92 0.99 9.32
CA LYS B 262 -3.49 0.67 9.33
C LYS B 262 -3.04 0.26 7.94
N ARG B 263 -1.76 0.48 7.63
CA ARG B 263 -1.22 0.00 6.37
C ARG B 263 -1.21 -1.51 6.38
N VAL B 264 -1.54 -2.10 5.24
CA VAL B 264 -1.56 -3.55 5.11
C VAL B 264 -0.70 -3.96 3.92
N TRP B 265 0.25 -4.85 4.17
CA TRP B 265 1.15 -5.36 3.12
C TRP B 265 1.09 -6.88 3.12
N LEU B 266 0.78 -7.44 1.97
CA LEU B 266 0.47 -8.87 1.87
C LEU B 266 1.41 -9.63 0.95
N GLU B 267 1.87 -10.78 1.43
CA GLU B 267 2.56 -11.77 0.60
C GLU B 267 1.70 -13.02 0.67
N ALA B 268 1.04 -13.35 -0.44
CA ALA B 268 0.04 -14.41 -0.41
C ALA B 268 0.37 -15.61 -1.29
N GLY B 269 -0.68 -16.27 -1.78
CA GLY B 269 -0.52 -17.53 -2.49
C GLY B 269 0.08 -17.41 -3.87
N GLY B 270 0.28 -18.55 -4.53
CA GLY B 270 0.81 -18.58 -5.88
C GLY B 270 0.47 -19.85 -6.62
N LYS B 271 0.47 -19.76 -7.94
CA LYS B 271 0.37 -20.92 -8.81
C LYS B 271 1.31 -20.67 -9.98
N SER B 272 2.61 -20.65 -9.68
CA SER B 272 3.62 -20.15 -10.61
C SER B 272 3.86 -21.06 -11.81
N PRO B 273 3.84 -20.47 -13.01
CA PRO B 273 4.10 -21.21 -14.26
C PRO B 273 5.59 -21.25 -14.61
N ASN B 274 6.04 -22.43 -14.97
CA ASN B 274 7.41 -22.72 -15.36
C ASN B 274 7.42 -23.09 -16.84
N ILE B 275 7.77 -22.13 -17.70
CA ILE B 275 7.62 -22.27 -19.15
C ILE B 275 8.93 -22.73 -19.81
N VAL B 276 8.90 -23.93 -20.39
CA VAL B 276 10.08 -24.47 -21.04
C VAL B 276 9.86 -24.51 -22.55
N PHE B 277 10.56 -23.66 -23.29
CA PHE B 277 10.52 -23.66 -24.74
C PHE B 277 11.43 -24.72 -25.31
N ALA B 278 11.18 -25.09 -26.56
CA ALA B 278 11.99 -26.10 -27.23
C ALA B 278 13.46 -25.70 -27.36
N ASP B 279 13.72 -24.40 -27.39
CA ASP B 279 15.09 -23.93 -27.59
C ASP B 279 15.75 -23.54 -26.26
N ALA B 280 15.30 -24.15 -25.17
CA ALA B 280 16.00 -24.01 -23.89
C ALA B 280 17.45 -24.44 -24.08
N PRO B 281 18.40 -23.67 -23.52
CA PRO B 281 19.84 -23.92 -23.71
C PRO B 281 20.28 -25.27 -23.16
N ASP B 282 19.71 -25.66 -22.02
CA ASP B 282 20.12 -26.88 -21.33
C ASP B 282 18.88 -27.59 -20.83
N LEU B 283 18.41 -28.57 -21.58
CA LEU B 283 17.17 -29.26 -21.22
C LEU B 283 17.30 -30.05 -19.92
N GLN B 284 18.48 -30.63 -19.68
CA GLN B 284 18.70 -31.37 -18.45
C GLN B 284 18.63 -30.44 -17.24
N ALA B 285 19.25 -29.28 -17.36
CA ALA B 285 19.16 -28.27 -16.30
C ALA B 285 17.69 -27.87 -16.08
N ALA B 286 16.98 -27.68 -17.18
CA ALA B 286 15.55 -27.35 -17.10
C ALA B 286 14.76 -28.46 -16.42
N ALA B 287 15.07 -29.72 -16.77
CA ALA B 287 14.39 -30.85 -16.14
C ALA B 287 14.70 -30.96 -14.65
N ASP B 288 15.97 -30.79 -14.30
CA ASP B 288 16.38 -30.85 -12.90
C ASP B 288 15.71 -29.75 -12.08
N SER B 289 15.62 -28.56 -12.67
CA SER B 289 15.02 -27.42 -11.97
C SER B 289 13.52 -27.57 -11.86
N ALA B 290 12.89 -28.14 -12.88
CA ALA B 290 11.46 -28.38 -12.87
C ALA B 290 11.07 -29.34 -11.73
N ALA B 291 11.94 -30.31 -11.47
CA ALA B 291 11.70 -31.28 -10.41
C ALA B 291 11.91 -30.63 -9.05
N SER B 292 13.02 -29.90 -8.93
CA SER B 292 13.34 -29.20 -7.69
C SER B 292 12.27 -28.18 -7.36
N ALA B 293 11.71 -27.56 -8.40
CA ALA B 293 10.74 -26.49 -8.20
C ALA B 293 9.45 -26.98 -7.56
N ILE B 294 9.21 -28.29 -7.65
CA ILE B 294 7.97 -28.83 -7.08
C ILE B 294 8.25 -29.68 -5.84
N ALA B 295 9.46 -30.26 -5.76
CA ALA B 295 9.77 -31.17 -4.67
C ALA B 295 10.48 -30.50 -3.48
N PHE B 296 11.18 -29.40 -3.72
CA PHE B 296 11.89 -28.73 -2.62
C PHE B 296 10.90 -28.28 -1.54
N ASN B 297 11.31 -28.49 -0.28
CA ASN B 297 10.48 -28.24 0.89
C ASN B 297 9.07 -28.84 0.76
N GLN B 298 9.01 -30.05 0.22
CA GLN B 298 7.76 -30.81 0.12
C GLN B 298 6.70 -30.10 -0.72
N GLY B 299 7.12 -29.22 -1.62
CA GLY B 299 6.18 -28.44 -2.41
C GLY B 299 5.45 -27.38 -1.60
N GLU B 300 5.84 -27.24 -0.34
CA GLU B 300 5.26 -26.25 0.55
C GLU B 300 6.01 -24.93 0.38
N VAL B 301 5.94 -24.40 -0.84
CA VAL B 301 6.69 -23.21 -1.25
C VAL B 301 5.74 -22.30 -2.03
N CYS B 302 5.69 -21.03 -1.65
CA CYS B 302 4.75 -20.12 -2.30
C CYS B 302 5.00 -20.01 -3.80
N THR B 303 6.27 -20.07 -4.17
CA THR B 303 6.68 -19.98 -5.56
C THR B 303 7.02 -21.31 -6.21
N ALA B 304 6.48 -22.41 -5.67
CA ALA B 304 6.69 -23.72 -6.29
C ALA B 304 6.25 -23.67 -7.75
N GLY B 305 7.04 -24.26 -8.64
CA GLY B 305 6.71 -24.30 -10.04
C GLY B 305 5.66 -25.37 -10.26
N SER B 306 4.44 -25.08 -9.85
CA SER B 306 3.37 -26.07 -9.80
C SER B 306 2.68 -26.29 -11.15
N ARG B 307 2.86 -25.35 -12.07
CA ARG B 307 2.39 -25.50 -13.44
C ARG B 307 3.61 -25.50 -14.36
N LEU B 308 3.87 -26.66 -14.96
CA LEU B 308 4.95 -26.79 -15.93
C LEU B 308 4.37 -26.70 -17.33
N LEU B 309 4.71 -25.62 -18.02
CA LEU B 309 4.23 -25.38 -19.38
C LEU B 309 5.33 -25.78 -20.36
N VAL B 310 5.07 -26.79 -21.19
CA VAL B 310 6.08 -27.31 -22.10
C VAL B 310 5.66 -27.17 -23.56
N GLU B 311 6.55 -26.65 -24.40
CA GLU B 311 6.28 -26.58 -25.82
C GLU B 311 6.02 -27.99 -26.34
N ARG B 312 4.94 -28.17 -27.10
CA ARG B 312 4.51 -29.51 -27.49
C ARG B 312 5.60 -30.32 -28.19
N SER B 313 6.44 -29.64 -28.98
CA SER B 313 7.42 -30.32 -29.81
C SER B 313 8.61 -30.93 -29.03
N ILE B 314 8.73 -30.64 -27.74
CA ILE B 314 9.77 -31.28 -26.94
C ILE B 314 9.19 -32.07 -25.78
N LYS B 315 7.87 -32.02 -25.68
CA LYS B 315 7.14 -32.63 -24.58
C LYS B 315 7.46 -34.13 -24.39
N ASP B 316 7.47 -34.88 -25.49
CA ASP B 316 7.72 -36.31 -25.41
C ASP B 316 9.14 -36.64 -24.92
N ARG B 317 10.07 -35.74 -25.20
CA ARG B 317 11.45 -35.92 -24.77
C ARG B 317 11.65 -35.40 -23.35
N PHE B 318 11.00 -34.28 -23.05
CA PHE B 318 11.25 -33.58 -21.79
C PHE B 318 10.56 -34.19 -20.58
N LEU B 319 9.35 -34.71 -20.76
CA LEU B 319 8.60 -35.24 -19.61
C LEU B 319 9.29 -36.44 -18.94
N PRO B 320 9.83 -37.40 -19.72
CA PRO B 320 10.58 -38.48 -19.05
C PRO B 320 11.80 -37.96 -18.26
N MET B 321 12.41 -36.88 -18.74
CA MET B 321 13.55 -36.29 -18.04
C MET B 321 13.10 -35.72 -16.69
N VAL B 322 11.92 -35.12 -16.67
CA VAL B 322 11.39 -34.53 -15.46
C VAL B 322 11.00 -35.62 -14.48
N ILE B 323 10.44 -36.71 -15.00
CA ILE B 323 10.06 -37.83 -14.16
C ILE B 323 11.30 -38.45 -13.49
N GLU B 324 12.35 -38.66 -14.27
CA GLU B 324 13.58 -39.23 -13.73
C GLU B 324 14.22 -38.32 -12.69
N ALA B 325 14.24 -37.02 -12.96
CA ALA B 325 14.81 -36.06 -12.02
C ALA B 325 14.00 -36.02 -10.72
N LEU B 326 12.66 -36.11 -10.84
CA LEU B 326 11.82 -36.08 -9.66
C LEU B 326 12.04 -37.32 -8.80
N GLY B 327 12.44 -38.41 -9.43
CA GLY B 327 12.69 -39.65 -8.73
C GLY B 327 13.84 -39.60 -7.74
N THR B 328 14.71 -38.60 -7.87
CA THR B 328 15.81 -38.42 -6.94
C THR B 328 15.37 -37.71 -5.66
N TRP B 329 14.18 -37.12 -5.69
CA TRP B 329 13.61 -36.46 -4.52
C TRP B 329 12.75 -37.44 -3.73
N LYS B 330 13.26 -37.91 -2.60
CA LYS B 330 12.63 -39.01 -1.85
C LYS B 330 12.35 -38.63 -0.40
N PRO B 331 11.08 -38.71 0.01
CA PRO B 331 10.74 -38.46 1.42
C PRO B 331 11.50 -39.37 2.36
N GLY B 332 11.86 -38.86 3.53
CA GLY B 332 12.60 -39.64 4.49
C GLY B 332 12.68 -38.94 5.82
N ASN B 333 13.34 -39.59 6.77
CA ASN B 333 13.57 -39.05 8.11
C ASN B 333 14.19 -37.65 8.07
N PRO B 334 13.43 -36.63 8.50
CA PRO B 334 13.95 -35.26 8.45
C PRO B 334 15.24 -35.05 9.25
N LEU B 335 15.48 -35.90 10.25
CA LEU B 335 16.69 -35.79 11.07
C LEU B 335 17.90 -36.47 10.42
N ASP B 336 17.66 -37.17 9.32
CA ASP B 336 18.74 -37.75 8.54
C ASP B 336 19.29 -36.68 7.59
N PRO B 337 20.61 -36.39 7.66
CA PRO B 337 21.17 -35.30 6.82
C PRO B 337 21.14 -35.65 5.34
N ALA B 338 20.97 -36.91 5.00
CA ALA B 338 20.93 -37.34 3.61
C ALA B 338 19.56 -37.10 2.99
N THR B 339 18.56 -36.87 3.82
CA THR B 339 17.18 -36.68 3.36
C THR B 339 16.99 -35.37 2.60
N ASN B 340 16.39 -35.42 1.41
CA ASN B 340 16.10 -34.19 0.66
C ASN B 340 14.62 -33.83 0.57
N VAL B 341 13.75 -34.71 1.05
CA VAL B 341 12.32 -34.41 1.17
C VAL B 341 11.82 -34.83 2.54
N GLY B 342 11.22 -33.91 3.28
CA GLY B 342 10.81 -34.20 4.63
C GLY B 342 9.35 -34.58 4.77
N ALA B 343 8.81 -34.38 5.96
CA ALA B 343 7.40 -34.64 6.24
C ALA B 343 6.56 -33.42 5.89
N LEU B 344 5.27 -33.64 5.61
CA LEU B 344 4.32 -32.54 5.49
C LEU B 344 3.99 -32.06 6.90
N VAL B 345 3.60 -30.79 7.02
CA VAL B 345 3.57 -30.15 8.34
C VAL B 345 2.60 -30.82 9.33
N ASP B 346 1.48 -31.35 8.83
CA ASP B 346 0.55 -32.09 9.69
C ASP B 346 -0.42 -32.96 8.90
N THR B 347 -1.30 -33.66 9.61
CA THR B 347 -2.25 -34.57 8.98
C THR B 347 -3.21 -33.81 8.08
N GLN B 348 -3.64 -32.64 8.54
CA GLN B 348 -4.54 -31.80 7.77
C GLN B 348 -3.93 -31.45 6.42
N GLN B 349 -2.62 -31.19 6.43
CA GLN B 349 -1.94 -30.83 5.19
C GLN B 349 -1.85 -32.04 4.26
N MET B 350 -1.57 -33.21 4.82
CA MET B 350 -1.48 -34.42 4.02
C MET B 350 -2.82 -34.75 3.36
N ASN B 351 -3.90 -34.59 4.11
CA ASN B 351 -5.24 -34.85 3.58
C ASN B 351 -5.60 -33.90 2.44
N THR B 352 -5.19 -32.64 2.57
CA THR B 352 -5.39 -31.65 1.52
C THR B 352 -4.67 -32.05 0.24
N VAL B 353 -3.40 -32.45 0.37
CA VAL B 353 -2.62 -32.88 -0.77
C VAL B 353 -3.24 -34.12 -1.41
N LEU B 354 -3.64 -35.09 -0.58
CA LEU B 354 -4.24 -36.32 -1.10
C LEU B 354 -5.58 -36.05 -1.78
N SER B 355 -6.32 -35.08 -1.26
CA SER B 355 -7.60 -34.70 -1.88
C SER B 355 -7.37 -34.08 -3.26
N TYR B 356 -6.28 -33.33 -3.42
CA TYR B 356 -5.98 -32.72 -4.70
C TYR B 356 -5.46 -33.74 -5.71
N ILE B 357 -4.75 -34.75 -5.22
CA ILE B 357 -4.33 -35.85 -6.08
C ILE B 357 -5.57 -36.58 -6.58
N ALA B 358 -6.55 -36.76 -5.70
CA ALA B 358 -7.82 -37.37 -6.10
C ALA B 358 -8.52 -36.51 -7.15
N ALA B 359 -8.46 -35.20 -6.95
CA ALA B 359 -9.07 -34.25 -7.88
C ALA B 359 -8.40 -34.28 -9.25
N GLY B 360 -7.09 -34.53 -9.26
CA GLY B 360 -6.35 -34.69 -10.49
C GLY B 360 -6.93 -35.82 -11.32
N HIS B 361 -7.16 -36.96 -10.68
CA HIS B 361 -7.75 -38.12 -11.34
C HIS B 361 -9.16 -37.82 -11.83
N THR B 362 -9.96 -37.23 -10.95
CA THR B 362 -11.37 -36.96 -11.25
C THR B 362 -11.50 -36.04 -12.45
N ASP B 363 -10.74 -34.95 -12.46
CA ASP B 363 -10.86 -33.95 -13.52
C ASP B 363 -10.27 -34.41 -14.86
N GLY B 364 -9.60 -35.57 -14.86
CA GLY B 364 -9.19 -36.20 -16.11
C GLY B 364 -7.73 -36.13 -16.51
N ALA B 365 -6.87 -35.71 -15.58
CA ALA B 365 -5.44 -35.67 -15.84
C ALA B 365 -4.84 -37.08 -15.74
N ARG B 366 -3.62 -37.25 -16.26
CA ARG B 366 -2.97 -38.55 -16.27
C ARG B 366 -1.82 -38.61 -15.28
N LEU B 367 -1.94 -39.47 -14.28
CA LEU B 367 -0.87 -39.68 -13.30
C LEU B 367 0.34 -40.36 -13.95
N VAL B 368 1.51 -39.74 -13.87
CA VAL B 368 2.70 -40.34 -14.48
C VAL B 368 3.82 -40.55 -13.46
N ALA B 369 3.62 -40.09 -12.22
CA ALA B 369 4.61 -40.28 -11.16
C ALA B 369 3.99 -40.08 -9.79
N GLY B 370 4.40 -40.89 -8.82
CA GLY B 370 3.98 -40.73 -7.44
C GLY B 370 2.49 -40.93 -7.19
N GLY B 371 1.91 -40.07 -6.36
CA GLY B 371 0.48 -40.07 -6.15
C GLY B 371 -0.02 -40.70 -4.86
N LYS B 372 0.91 -41.09 -3.98
CA LYS B 372 0.50 -41.82 -2.78
C LYS B 372 1.24 -41.41 -1.50
N GLN B 373 0.54 -41.51 -0.38
CA GLN B 373 1.13 -41.42 0.94
C GLN B 373 2.12 -42.57 1.12
N ILE B 374 3.20 -42.33 1.85
CA ILE B 374 4.18 -43.37 2.14
C ILE B 374 4.67 -43.25 3.58
N LEU B 375 5.41 -44.26 4.03
CA LEU B 375 6.06 -44.27 5.34
C LEU B 375 5.07 -44.09 6.50
N GLN B 376 3.88 -44.64 6.36
CA GLN B 376 2.85 -44.53 7.40
C GLN B 376 3.33 -45.11 8.73
N GLU B 377 4.22 -46.09 8.67
CA GLU B 377 4.68 -46.80 9.85
C GLU B 377 5.45 -45.90 10.83
N THR B 378 5.93 -44.76 10.34
CA THR B 378 6.74 -43.86 11.16
C THR B 378 5.93 -43.02 12.12
N GLY B 379 4.62 -42.94 11.90
CA GLY B 379 3.77 -42.04 12.65
C GLY B 379 3.83 -40.62 12.11
N GLY B 380 4.59 -40.43 11.02
CA GLY B 380 4.72 -39.13 10.40
C GLY B 380 3.87 -39.01 9.14
N THR B 381 3.88 -37.82 8.54
CA THR B 381 3.07 -37.52 7.37
C THR B 381 3.92 -37.27 6.13
N TYR B 382 3.97 -38.24 5.23
CA TYR B 382 4.81 -38.17 4.03
C TYR B 382 4.04 -38.51 2.76
N VAL B 383 4.27 -37.74 1.69
CA VAL B 383 3.68 -38.05 0.39
C VAL B 383 4.73 -38.04 -0.71
N GLU B 384 4.62 -38.97 -1.67
CA GLU B 384 5.47 -39.01 -2.85
C GLU B 384 5.29 -37.77 -3.70
N PRO B 385 6.41 -37.15 -4.13
CA PRO B 385 6.35 -36.15 -5.19
C PRO B 385 5.59 -36.71 -6.40
N THR B 386 4.64 -35.94 -6.90
CA THR B 386 3.63 -36.44 -7.83
C THR B 386 3.56 -35.58 -9.10
N ILE B 387 3.38 -36.23 -10.26
CA ILE B 387 3.20 -35.51 -11.52
C ILE B 387 1.94 -35.94 -12.27
N PHE B 388 1.11 -34.97 -12.66
CA PHE B 388 0.01 -35.23 -13.59
C PHE B 388 0.34 -34.65 -14.96
N ASP B 389 0.16 -35.47 -15.99
CA ASP B 389 0.33 -35.03 -17.37
C ASP B 389 -1.06 -34.78 -17.97
N GLY B 390 -1.12 -34.16 -19.14
CA GLY B 390 -2.39 -33.95 -19.82
C GLY B 390 -3.32 -33.03 -19.07
N VAL B 391 -2.75 -32.04 -18.40
CA VAL B 391 -3.52 -31.10 -17.60
C VAL B 391 -3.99 -29.91 -18.44
N ASN B 392 -5.28 -29.58 -18.32
CA ASN B 392 -5.82 -28.37 -18.91
C ASN B 392 -5.88 -27.30 -17.83
N ASN B 393 -5.63 -26.05 -18.19
CA ASN B 393 -5.50 -25.01 -17.18
C ASN B 393 -6.79 -24.71 -16.42
N ALA B 394 -7.92 -25.25 -16.90
CA ALA B 394 -9.20 -25.04 -16.23
C ALA B 394 -9.45 -26.05 -15.11
N MET B 395 -8.64 -27.12 -15.07
CA MET B 395 -8.78 -28.14 -14.04
C MET B 395 -8.41 -27.60 -12.67
N ARG B 396 -8.98 -28.18 -11.62
CA ARG B 396 -8.74 -27.71 -10.26
C ARG B 396 -7.27 -27.74 -9.87
N ILE B 397 -6.55 -28.79 -10.25
CA ILE B 397 -5.13 -28.87 -9.88
C ILE B 397 -4.30 -27.81 -10.60
N ALA B 398 -4.85 -27.24 -11.66
CA ALA B 398 -4.16 -26.18 -12.40
C ALA B 398 -4.52 -24.79 -11.88
N GLN B 399 -5.71 -24.65 -11.32
CA GLN B 399 -6.17 -23.33 -10.87
C GLN B 399 -5.90 -23.07 -9.39
N GLU B 400 -5.90 -24.13 -8.58
CA GLU B 400 -5.84 -23.97 -7.14
C GLU B 400 -4.46 -24.32 -6.57
N GLU B 401 -4.00 -23.51 -5.62
CA GLU B 401 -2.75 -23.80 -4.94
C GLU B 401 -2.93 -25.02 -4.05
N ILE B 402 -2.02 -25.98 -4.21
CA ILE B 402 -2.08 -27.26 -3.52
C ILE B 402 -1.22 -27.24 -2.26
N PHE B 403 -0.05 -26.62 -2.38
CA PHE B 403 0.92 -26.53 -1.28
C PHE B 403 1.34 -27.94 -0.85
N GLY B 404 1.64 -28.76 -1.85
CA GLY B 404 2.26 -30.06 -1.67
C GLY B 404 3.07 -30.34 -2.92
N PRO B 405 3.78 -31.47 -2.96
CA PRO B 405 4.65 -31.75 -4.11
C PRO B 405 3.90 -32.36 -5.28
N VAL B 406 2.94 -31.63 -5.83
CA VAL B 406 2.11 -32.09 -6.94
C VAL B 406 2.27 -31.20 -8.17
N LEU B 407 2.79 -31.77 -9.25
CA LEU B 407 3.07 -31.02 -10.47
C LEU B 407 2.00 -31.24 -11.54
N SER B 408 1.54 -30.14 -12.13
CA SER B 408 0.65 -30.20 -13.29
C SER B 408 1.43 -29.88 -14.55
N VAL B 409 1.34 -30.75 -15.56
CA VAL B 409 2.05 -30.52 -16.82
C VAL B 409 1.09 -30.13 -17.95
N LEU B 410 1.32 -28.96 -18.53
CA LEU B 410 0.50 -28.43 -19.61
C LEU B 410 1.35 -28.20 -20.84
N THR B 411 0.73 -28.22 -22.02
CA THR B 411 1.46 -28.01 -23.26
C THR B 411 0.96 -26.79 -24.03
N PHE B 412 1.82 -26.25 -24.88
CA PHE B 412 1.47 -25.11 -25.74
C PHE B 412 2.22 -25.23 -27.06
N ASP B 413 1.79 -24.47 -28.07
CA ASP B 413 2.38 -24.52 -29.40
C ASP B 413 3.08 -23.21 -29.76
N THR B 414 2.61 -22.10 -29.18
CA THR B 414 3.18 -20.78 -29.48
C THR B 414 3.54 -20.04 -28.19
N ALA B 415 4.44 -19.07 -28.30
CA ALA B 415 4.81 -18.26 -27.15
C ALA B 415 3.58 -17.48 -26.65
N GLU B 416 2.74 -17.07 -27.59
CA GLU B 416 1.52 -16.35 -27.26
C GLU B 416 0.59 -17.20 -26.41
N GLU B 417 0.49 -18.48 -26.76
CA GLU B 417 -0.33 -19.42 -26.00
C GLU B 417 0.25 -19.63 -24.60
N ALA B 418 1.56 -19.78 -24.51
CA ALA B 418 2.22 -20.01 -23.23
C ALA B 418 1.94 -18.85 -22.28
N ILE B 419 2.05 -17.64 -22.80
CA ILE B 419 1.82 -16.44 -22.01
C ILE B 419 0.37 -16.36 -21.53
N GLN B 420 -0.58 -16.66 -22.41
CA GLN B 420 -2.00 -16.62 -22.08
C GLN B 420 -2.34 -17.58 -20.95
N ILE B 421 -1.79 -18.79 -21.03
CA ILE B 421 -2.00 -19.81 -20.01
C ILE B 421 -1.33 -19.40 -18.70
N ALA B 422 -0.10 -18.94 -18.80
CA ALA B 422 0.66 -18.51 -17.62
C ALA B 422 -0.07 -17.41 -16.85
N ASN B 423 -0.64 -16.46 -17.56
CA ASN B 423 -1.32 -15.33 -16.93
C ASN B 423 -2.77 -15.64 -16.54
N ASP B 424 -3.23 -16.84 -16.89
CA ASP B 424 -4.62 -17.23 -16.63
C ASP B 424 -4.75 -17.80 -15.21
N THR B 425 -4.65 -16.91 -14.23
CA THR B 425 -4.64 -17.28 -12.82
C THR B 425 -4.96 -16.04 -12.00
N PRO B 426 -5.58 -16.21 -10.83
CA PRO B 426 -5.75 -15.04 -9.96
C PRO B 426 -4.44 -14.62 -9.31
N TYR B 427 -3.43 -15.49 -9.37
CA TYR B 427 -2.17 -15.29 -8.68
C TYR B 427 -1.16 -14.58 -9.58
N GLY B 428 0.05 -14.34 -9.05
CA GLY B 428 1.09 -13.65 -9.80
C GLY B 428 2.36 -13.45 -8.98
N LEU B 429 2.81 -14.51 -8.34
CA LEU B 429 3.95 -14.41 -7.42
C LEU B 429 5.27 -14.60 -8.15
N ALA B 430 5.33 -15.60 -9.02
CA ALA B 430 6.53 -15.88 -9.79
C ALA B 430 6.20 -16.61 -11.08
N ALA B 431 7.20 -16.68 -11.95
CA ALA B 431 7.09 -17.42 -13.19
C ALA B 431 8.51 -17.66 -13.69
N ALA B 432 8.67 -18.60 -14.60
CA ALA B 432 9.97 -18.83 -15.20
C ALA B 432 9.87 -19.07 -16.71
N VAL B 433 10.94 -18.74 -17.41
CA VAL B 433 11.03 -18.89 -18.86
C VAL B 433 12.35 -19.53 -19.22
N TRP B 434 12.31 -20.58 -20.04
CA TRP B 434 13.54 -21.24 -20.47
C TRP B 434 13.69 -21.17 -21.99
N THR B 435 14.65 -20.38 -22.46
CA THR B 435 14.90 -20.20 -23.88
C THR B 435 16.26 -19.57 -24.13
N ALA B 436 16.91 -19.97 -25.21
CA ALA B 436 18.22 -19.42 -25.53
C ALA B 436 18.11 -18.16 -26.39
N ASN B 437 16.89 -17.78 -26.75
CA ASN B 437 16.66 -16.68 -27.68
C ASN B 437 16.53 -15.35 -26.94
N LEU B 438 17.32 -14.36 -27.37
CA LEU B 438 17.35 -13.05 -26.72
C LEU B 438 15.99 -12.37 -26.69
N SER B 439 15.38 -12.19 -27.86
CA SER B 439 14.09 -11.50 -27.96
C SER B 439 13.01 -12.24 -27.21
N LYS B 440 12.91 -13.55 -27.41
CA LYS B 440 11.87 -14.35 -26.77
C LYS B 440 11.98 -14.32 -25.25
N ALA B 441 13.21 -14.37 -24.73
CA ALA B 441 13.38 -14.34 -23.28
C ALA B 441 12.88 -13.03 -22.69
N HIS B 442 13.32 -11.90 -23.24
CA HIS B 442 12.95 -10.60 -22.69
C HIS B 442 11.48 -10.26 -22.93
N LEU B 443 10.99 -10.53 -24.14
CA LEU B 443 9.59 -10.24 -24.46
C LEU B 443 8.63 -11.13 -23.65
N THR B 444 8.98 -12.40 -23.45
CA THR B 444 8.11 -13.26 -22.67
C THR B 444 8.14 -12.84 -21.19
N ALA B 445 9.34 -12.58 -20.66
CA ALA B 445 9.48 -12.14 -19.28
C ALA B 445 8.67 -10.86 -19.03
N ARG B 446 8.69 -9.97 -20.01
CA ARG B 446 7.96 -8.71 -19.90
C ARG B 446 6.43 -8.94 -19.88
N ALA B 447 5.97 -9.96 -20.58
CA ALA B 447 4.53 -10.20 -20.71
C ALA B 447 3.94 -10.94 -19.51
N LEU B 448 4.79 -11.54 -18.70
CA LEU B 448 4.31 -12.34 -17.57
C LEU B 448 3.95 -11.46 -16.38
N ARG B 449 2.72 -11.58 -15.91
CA ARG B 449 2.25 -10.77 -14.79
C ARG B 449 2.63 -11.41 -13.46
N ALA B 450 3.89 -11.28 -13.08
CA ALA B 450 4.37 -11.89 -11.84
C ALA B 450 5.50 -11.08 -11.22
N GLY B 451 5.61 -11.11 -9.90
CA GLY B 451 6.57 -10.28 -9.19
C GLY B 451 8.02 -10.69 -9.41
N SER B 452 8.24 -11.99 -9.62
CA SER B 452 9.56 -12.52 -9.96
C SER B 452 9.48 -13.31 -11.26
N VAL B 453 10.38 -13.03 -12.18
CA VAL B 453 10.46 -13.83 -13.40
C VAL B 453 11.88 -14.35 -13.56
N TRP B 454 12.03 -15.66 -13.57
CA TRP B 454 13.34 -16.27 -13.64
C TRP B 454 13.57 -16.80 -15.05
N VAL B 455 14.72 -16.47 -15.63
CA VAL B 455 15.01 -16.89 -16.99
C VAL B 455 16.19 -17.85 -17.01
N ASN B 456 15.95 -19.04 -17.58
CA ASN B 456 16.93 -20.11 -17.66
C ASN B 456 17.45 -20.56 -16.29
N GLN B 457 16.59 -20.43 -15.30
CA GLN B 457 16.81 -20.92 -13.95
C GLN B 457 15.47 -20.90 -13.22
N TYR B 458 15.40 -21.53 -12.05
CA TYR B 458 14.23 -21.37 -11.20
C TYR B 458 14.68 -20.97 -9.79
N ASP B 459 13.82 -20.26 -9.07
CA ASP B 459 14.06 -19.87 -7.69
C ASP B 459 15.32 -19.01 -7.59
N GLY B 460 15.45 -18.05 -8.50
CA GLY B 460 16.61 -17.18 -8.54
C GLY B 460 16.45 -15.96 -7.64
N GLY B 461 17.43 -15.06 -7.72
CA GLY B 461 17.43 -13.85 -6.92
C GLY B 461 18.18 -14.06 -5.62
N ASP B 462 18.52 -12.95 -4.98
CA ASP B 462 19.12 -12.96 -3.64
C ASP B 462 18.53 -11.78 -2.87
N MET B 463 19.27 -11.26 -1.88
CA MET B 463 18.72 -10.16 -1.09
C MET B 463 18.58 -8.87 -1.91
N THR B 464 19.19 -8.79 -3.09
CA THR B 464 19.04 -7.59 -3.91
C THR B 464 17.73 -7.59 -4.72
N ALA B 465 17.02 -8.72 -4.71
CA ALA B 465 15.83 -8.89 -5.56
C ALA B 465 14.53 -8.77 -4.80
N PRO B 466 13.74 -7.71 -5.08
CA PRO B 466 12.44 -7.61 -4.43
C PRO B 466 11.57 -8.81 -4.80
N PHE B 467 10.75 -9.25 -3.85
CA PHE B 467 9.99 -10.48 -3.96
C PHE B 467 8.58 -10.20 -3.48
N GLY B 468 7.58 -10.50 -4.30
CA GLY B 468 6.20 -10.24 -3.93
C GLY B 468 5.26 -10.38 -5.10
N GLY B 469 3.97 -10.16 -4.87
CA GLY B 469 2.97 -10.55 -5.85
C GLY B 469 2.38 -9.47 -6.73
N PHE B 470 1.96 -9.88 -7.92
CA PHE B 470 0.93 -9.19 -8.70
C PHE B 470 -0.42 -9.72 -8.23
N LYS B 471 -1.48 -8.96 -8.44
CA LYS B 471 -2.84 -9.47 -8.27
C LYS B 471 -3.07 -10.06 -6.87
N GLN B 472 -3.70 -11.23 -6.79
CA GLN B 472 -4.05 -11.76 -5.47
C GLN B 472 -2.90 -12.51 -4.80
N SER B 473 -1.69 -12.35 -5.33
CA SER B 473 -0.51 -12.90 -4.67
C SER B 473 0.06 -11.90 -3.67
N GLY B 474 -0.54 -10.71 -3.62
CA GLY B 474 -0.18 -9.74 -2.60
C GLY B 474 0.16 -8.34 -3.10
N ASN B 475 0.65 -7.51 -2.19
CA ASN B 475 1.10 -6.16 -2.52
C ASN B 475 2.35 -5.84 -1.72
N GLY B 476 3.25 -5.08 -2.32
CA GLY B 476 4.50 -4.76 -1.65
C GLY B 476 5.53 -5.85 -1.87
N ARG B 477 6.76 -5.58 -1.47
CA ARG B 477 7.86 -6.49 -1.75
C ARG B 477 8.72 -6.74 -0.52
N ASP B 478 9.14 -7.98 -0.34
CA ASP B 478 10.14 -8.36 0.65
C ASP B 478 11.50 -8.43 -0.02
N LYS B 479 12.56 -8.38 0.79
CA LYS B 479 13.96 -8.30 0.34
C LYS B 479 14.23 -7.00 -0.42
N SER B 480 15.49 -6.78 -0.78
CA SER B 480 15.96 -5.54 -1.43
C SER B 480 15.69 -4.30 -0.58
N LEU B 481 16.04 -3.13 -1.13
CA LEU B 481 15.81 -1.87 -0.44
C LEU B 481 14.33 -1.49 -0.45
N HIS B 482 13.58 -2.02 -1.42
CA HIS B 482 12.16 -1.71 -1.53
C HIS B 482 11.35 -2.21 -0.34
N ALA B 483 11.88 -3.22 0.36
CA ALA B 483 11.19 -3.75 1.54
C ALA B 483 11.09 -2.71 2.63
N PHE B 484 12.06 -1.80 2.69
CA PHE B 484 12.11 -0.76 3.70
C PHE B 484 10.90 0.16 3.62
N ASP B 485 10.41 0.37 2.41
CA ASP B 485 9.32 1.30 2.17
C ASP B 485 8.01 0.87 2.82
N LYS B 486 7.89 -0.41 3.19
CA LYS B 486 6.69 -0.89 3.90
C LYS B 486 6.67 -0.46 5.36
N TYR B 487 7.80 0.03 5.86
CA TYR B 487 7.95 0.28 7.30
C TYR B 487 8.24 1.74 7.59
N THR B 488 8.08 2.59 6.58
CA THR B 488 8.32 4.02 6.76
C THR B 488 7.22 4.87 6.13
N GLU B 489 7.19 6.15 6.49
CA GLU B 489 6.27 7.12 5.93
C GLU B 489 7.05 8.26 5.30
N LEU B 490 6.59 8.76 4.17
CA LEU B 490 7.20 9.92 3.54
C LEU B 490 6.73 11.20 4.20
N LYS B 491 7.66 12.10 4.45
CA LYS B 491 7.32 13.44 4.91
C LYS B 491 7.95 14.50 4.02
N SER B 492 7.14 15.49 3.64
CA SER B 492 7.61 16.64 2.88
C SER B 492 7.74 17.84 3.79
N THR B 493 8.98 18.25 4.08
CA THR B 493 9.20 19.41 4.92
C THR B 493 9.63 20.58 4.02
N TRP B 494 8.73 21.55 3.84
CA TRP B 494 9.01 22.68 2.97
C TRP B 494 9.25 23.93 3.80
N ILE B 495 10.50 24.40 3.75
CA ILE B 495 10.97 25.47 4.62
C ILE B 495 11.16 26.77 3.87
N LYS B 496 10.47 27.81 4.30
CA LYS B 496 10.64 29.13 3.71
C LYS B 496 11.81 29.83 4.38
N LEU B 497 12.75 30.30 3.57
CA LEU B 497 14.02 30.86 4.06
C LEU B 497 14.04 32.39 3.99
#